data_8WQ9
#
_entry.id   8WQ9
#
_cell.length_a   88.314
_cell.length_b   111.036
_cell.length_c   112.941
_cell.angle_alpha   90.00
_cell.angle_beta   90.00
_cell.angle_gamma   90.00
#
_symmetry.space_group_name_H-M   'P 21 21 2'
#
loop_
_entity.id
_entity.type
_entity.pdbx_description
1 polymer D-hydantoinase/dihydropyrimidinase
2 non-polymer 'GAMMA-AMINO-BUTANOIC ACID'
3 non-polymer 'ZINC ION'
4 water water
#
_entity_poly.entity_id   1
_entity_poly.type   'polypeptide(L)'
_entity_poly.pdbx_seq_one_letter_code
;MSLLIRGATVVTHEESYRADVLCANGLIQAIGENLETPSGCDVLDGGGQYLMPGGIDPHTHMQLPFMGTVASEDFFSGTA
AGLAGGTTSIIDFVIPNPRQSLLEAFHTWRGWAQKSAADYGFHVAITWWSDEVAREMGELVAQHGVNSF(KCX)HFMAYK
NAIMAADDTLVASFERCLELGAVPTVHAENGELVFHLQQKLLAQGLTGPEAHPLSRPPQVEGEAASRAIRIAETLGTPLY
LVHISSREALDEIAYARAKGQPVYGEVLAGHLLLDDSVYRHPDWATAAGYVMSPPFRPVEHQEALWRGLQSGNLHTTATD
HCCFCAEQKAMGRDDFSKIPNGTAGIEDRMALLWDAGVNSGRLSMHEFVALTSTNTAKIFNLFPRKGAIRVGADADLVLW
DPQGSRTLSAATHHQRVDFNIFEGRTVRGIPSHTISQGKLLWAAGDLRAEPGAGRYVERPAYPSVYEVLGRRAERQRPVA
VERHHHHHH
;
_entity_poly.pdbx_strand_id   A,B
#
loop_
_chem_comp.id
_chem_comp.type
_chem_comp.name
_chem_comp.formula
ABU non-polymer 'GAMMA-AMINO-BUTANOIC ACID' 'C4 H9 N O2'
ZN non-polymer 'ZINC ION' 'Zn 2'
#
# COMPACT_ATOMS: atom_id res chain seq x y z
N SER A 2 44.36 27.29 -11.64
CA SER A 2 44.22 26.09 -10.82
C SER A 2 44.10 26.46 -9.35
N LEU A 3 43.62 25.51 -8.55
CA LEU A 3 43.36 25.74 -7.13
C LEU A 3 43.90 24.54 -6.36
N LEU A 4 44.76 24.81 -5.38
CA LEU A 4 45.34 23.79 -4.52
C LEU A 4 44.78 23.98 -3.12
N ILE A 5 44.09 22.97 -2.59
CA ILE A 5 43.58 23.01 -1.22
C ILE A 5 44.54 22.20 -0.37
N ARG A 6 45.22 22.89 0.55
CA ARG A 6 46.35 22.32 1.27
C ARG A 6 46.02 22.12 2.74
N GLY A 7 46.46 21.00 3.30
CA GLY A 7 46.42 20.84 4.74
C GLY A 7 45.09 20.44 5.36
N ALA A 8 44.05 20.18 4.55
CA ALA A 8 42.80 19.74 5.13
C ALA A 8 42.79 18.21 5.31
N THR A 9 41.75 17.71 5.98
CA THR A 9 41.43 16.30 6.00
C THR A 9 40.36 16.01 4.96
N VAL A 10 40.68 15.18 3.97
CA VAL A 10 39.70 14.71 3.00
C VAL A 10 38.74 13.75 3.69
N VAL A 11 37.44 13.96 3.51
CA VAL A 11 36.40 13.09 4.06
C VAL A 11 35.48 12.64 2.91
N THR A 12 35.42 11.33 2.67
CA THR A 12 34.59 10.75 1.63
C THR A 12 33.38 10.05 2.25
N HIS A 13 32.64 9.32 1.41
CA HIS A 13 31.55 8.48 1.89
C HIS A 13 32.03 7.23 2.61
N GLU A 14 33.34 7.00 2.70
CA GLU A 14 33.78 5.81 3.43
C GLU A 14 35.05 6.00 4.27
N GLU A 15 35.83 7.06 4.08
CA GLU A 15 37.10 7.15 4.81
C GLU A 15 37.49 8.61 4.97
N SER A 16 38.46 8.84 5.87
CA SER A 16 39.05 10.14 6.12
C SER A 16 40.56 10.02 6.00
N TYR A 17 41.20 11.02 5.42
CA TYR A 17 42.67 11.00 5.38
C TYR A 17 43.20 12.39 5.08
N ARG A 18 44.45 12.62 5.50
CA ARG A 18 45.13 13.88 5.25
C ARG A 18 45.72 13.89 3.85
N ALA A 19 45.42 14.94 3.09
CA ALA A 19 46.01 15.04 1.76
C ALA A 19 45.69 16.42 1.22
N ASP A 20 46.58 16.93 0.36
CA ASP A 20 46.27 18.10 -0.46
C ASP A 20 45.49 17.68 -1.70
N VAL A 21 44.74 18.62 -2.28
CA VAL A 21 43.94 18.35 -3.46
C VAL A 21 44.17 19.47 -4.47
N LEU A 22 44.60 19.10 -5.68
CA LEU A 22 44.84 20.04 -6.76
C LEU A 22 43.72 19.97 -7.77
N CYS A 23 43.14 21.13 -8.10
CA CYS A 23 42.11 21.26 -9.14
C CYS A 23 42.62 22.07 -10.32
N ALA A 24 42.25 21.65 -11.53
CA ALA A 24 42.52 22.44 -12.73
C ALA A 24 41.59 22.00 -13.85
N ASN A 25 41.26 22.95 -14.72
CA ASN A 25 40.42 22.68 -15.90
C ASN A 25 39.13 21.96 -15.50
N GLY A 26 38.57 22.34 -14.36
CA GLY A 26 37.29 21.86 -13.90
C GLY A 26 37.34 20.57 -13.10
N LEU A 27 38.50 19.92 -13.01
CA LEU A 27 38.62 18.56 -12.52
C LEU A 27 39.62 18.50 -11.36
N ILE A 28 39.52 17.43 -10.58
CA ILE A 28 40.54 17.09 -9.62
C ILE A 28 41.73 16.46 -10.35
N GLN A 29 42.91 17.08 -10.21
CA GLN A 29 44.10 16.66 -10.94
C GLN A 29 45.07 15.83 -10.12
N ALA A 30 45.12 16.04 -8.81
CA ALA A 30 46.05 15.26 -8.00
C ALA A 30 45.56 15.31 -6.56
N ILE A 31 45.87 14.23 -5.84
CA ILE A 31 45.56 14.11 -4.42
C ILE A 31 46.74 13.48 -3.72
N GLY A 32 47.22 14.09 -2.65
CA GLY A 32 48.38 13.55 -1.98
C GLY A 32 48.94 14.54 -1.00
N GLU A 33 49.92 14.08 -0.22
CA GLU A 33 50.53 14.97 0.74
C GLU A 33 51.62 15.81 0.07
N ASN A 34 51.81 17.02 0.59
CA ASN A 34 52.81 17.96 0.07
C ASN A 34 52.88 17.94 -1.45
N LEU A 35 51.72 18.17 -2.06
CA LEU A 35 51.65 18.33 -3.50
C LEU A 35 52.46 19.54 -3.95
N GLU A 36 53.18 19.37 -5.05
CA GLU A 36 53.83 20.48 -5.74
C GLU A 36 52.79 21.51 -6.20
N THR A 37 53.13 22.80 -6.08
CA THR A 37 52.25 23.89 -6.54
C THR A 37 52.58 24.31 -7.96
N PRO A 38 51.68 24.11 -8.93
CA PRO A 38 51.91 24.66 -10.27
C PRO A 38 52.00 26.18 -10.25
N SER A 39 52.77 26.73 -11.19
CA SER A 39 52.96 28.18 -11.23
C SER A 39 51.64 28.88 -11.54
N GLY A 40 51.41 30.01 -10.88
CA GLY A 40 50.16 30.73 -10.98
C GLY A 40 48.99 30.09 -10.24
N CYS A 41 49.22 29.03 -9.49
CA CYS A 41 48.14 28.31 -8.81
C CYS A 41 47.74 29.02 -7.52
N ASP A 42 46.44 29.21 -7.34
CA ASP A 42 45.89 29.75 -6.10
C ASP A 42 45.91 28.68 -5.03
N VAL A 43 46.16 29.06 -3.78
CA VAL A 43 46.24 28.10 -2.70
C VAL A 43 45.24 28.48 -1.63
N LEU A 44 44.50 27.49 -1.14
CA LEU A 44 43.52 27.67 -0.08
C LEU A 44 44.00 26.90 1.13
N ASP A 45 44.11 27.57 2.27
CA ASP A 45 44.60 26.92 3.49
C ASP A 45 43.46 26.17 4.16
N GLY A 46 43.48 24.84 4.08
CA GLY A 46 42.45 24.01 4.68
C GLY A 46 42.76 23.49 6.06
N GLY A 47 43.86 23.93 6.69
CA GLY A 47 44.23 23.42 7.99
C GLY A 47 43.09 23.48 8.98
N GLY A 48 42.91 22.40 9.74
CA GLY A 48 41.86 22.31 10.71
C GLY A 48 40.46 22.13 10.16
N GLN A 49 40.33 21.81 8.87
CA GLN A 49 39.01 21.70 8.25
C GLN A 49 38.88 20.37 7.51
N TYR A 50 37.65 20.04 7.14
CA TYR A 50 37.35 18.85 6.36
C TYR A 50 37.01 19.25 4.93
N LEU A 51 37.58 18.54 3.97
CA LEU A 51 37.32 18.76 2.54
C LEU A 51 36.45 17.61 2.05
N MET A 52 35.22 17.90 1.67
CA MET A 52 34.37 16.84 1.13
C MET A 52 33.77 17.20 -0.21
N PRO A 53 33.18 16.23 -0.89
CA PRO A 53 32.49 16.53 -2.14
C PRO A 53 31.39 17.56 -1.89
N GLY A 54 31.22 18.47 -2.84
CA GLY A 54 30.15 19.43 -2.71
C GLY A 54 28.79 18.74 -2.69
N GLY A 55 27.84 19.35 -1.98
CA GLY A 55 26.50 18.80 -1.94
C GLY A 55 25.87 18.70 -3.31
N ILE A 56 25.04 17.68 -3.49
CA ILE A 56 24.14 17.58 -4.64
C ILE A 56 22.73 17.60 -4.11
N ASP A 57 21.92 18.54 -4.61
CA ASP A 57 20.53 18.63 -4.17
C ASP A 57 19.63 18.17 -5.32
N PRO A 58 19.14 16.93 -5.29
CA PRO A 58 18.38 16.39 -6.43
C PRO A 58 16.91 16.81 -6.48
N HIS A 59 16.52 17.84 -5.74
CA HIS A 59 15.10 18.19 -5.69
C HIS A 59 14.95 19.70 -5.45
N THR A 60 14.98 20.47 -6.55
CA THR A 60 14.77 21.92 -6.52
C THR A 60 13.72 22.31 -7.56
N HIS A 61 13.14 23.50 -7.36
CA HIS A 61 12.09 24.04 -8.23
C HIS A 61 12.33 25.54 -8.49
N MET A 62 13.51 25.87 -9.01
CA MET A 62 13.85 27.27 -9.30
C MET A 62 12.81 27.89 -10.22
N GLN A 63 12.35 29.08 -9.86
CA GLN A 63 11.37 29.87 -10.61
C GLN A 63 10.25 29.01 -11.20
N LEU A 64 9.72 28.09 -10.39
CA LEU A 64 8.60 27.27 -10.80
C LEU A 64 7.37 28.13 -11.01
N PRO A 65 6.69 28.03 -12.14
CA PRO A 65 5.49 28.85 -12.36
C PRO A 65 4.33 28.38 -11.50
N PHE A 66 3.53 29.33 -11.04
CA PHE A 66 2.35 28.99 -10.24
C PHE A 66 1.29 30.07 -10.39
N MET A 67 0.15 29.71 -10.98
CA MET A 67 -0.95 30.64 -11.20
C MET A 67 -0.39 31.79 -12.03
N GLY A 68 -0.56 33.05 -11.63
CA GLY A 68 -0.01 34.13 -12.40
C GLY A 68 1.41 34.52 -12.06
N THR A 69 2.08 33.74 -11.20
CA THR A 69 3.36 34.12 -10.60
C THR A 69 4.36 32.97 -10.76
N VAL A 70 5.58 33.20 -10.32
CA VAL A 70 6.63 32.17 -10.34
C VAL A 70 7.33 32.21 -8.99
N ALA A 71 7.86 31.05 -8.56
CA ALA A 71 8.68 31.00 -7.36
C ALA A 71 9.60 32.22 -7.32
N SER A 72 9.79 32.78 -6.13
CA SER A 72 10.56 34.01 -5.99
C SER A 72 12.05 33.79 -6.17
N GLU A 73 12.52 32.55 -6.04
CA GLU A 73 13.89 32.18 -6.32
C GLU A 73 14.02 31.78 -7.79
N ASP A 74 15.01 32.32 -8.51
CA ASP A 74 15.25 31.88 -9.88
C ASP A 74 16.49 31.00 -9.94
N PHE A 75 16.83 30.54 -11.16
CA PHE A 75 17.91 29.57 -11.29
C PHE A 75 19.27 30.15 -10.87
N PHE A 76 19.48 31.45 -11.08
CA PHE A 76 20.74 32.03 -10.60
C PHE A 76 20.72 32.20 -9.09
N SER A 77 19.71 32.87 -8.54
CA SER A 77 19.74 33.17 -7.12
C SER A 77 19.67 31.90 -6.28
N GLY A 78 18.96 30.87 -6.75
CA GLY A 78 18.91 29.62 -6.03
C GLY A 78 20.24 28.88 -6.05
N THR A 79 20.87 28.76 -7.24
CA THR A 79 22.15 28.06 -7.28
C THR A 79 23.24 28.83 -6.57
N ALA A 80 23.19 30.18 -6.59
CA ALA A 80 24.12 30.98 -5.81
C ALA A 80 23.92 30.73 -4.32
N ALA A 81 22.67 30.75 -3.84
CA ALA A 81 22.41 30.42 -2.43
C ALA A 81 22.89 29.02 -2.09
N GLY A 82 22.66 28.06 -2.99
CA GLY A 82 23.20 26.72 -2.78
C GLY A 82 24.70 26.72 -2.56
N LEU A 83 25.44 27.48 -3.37
CA LEU A 83 26.89 27.53 -3.25
C LEU A 83 27.32 28.08 -1.88
N ALA A 84 26.67 29.14 -1.42
CA ALA A 84 26.97 29.67 -0.10
C ALA A 84 26.78 28.61 0.98
N GLY A 85 25.85 27.65 0.78
CA GLY A 85 25.58 26.60 1.73
C GLY A 85 26.32 25.29 1.50
N GLY A 86 27.29 25.25 0.60
CA GLY A 86 28.11 24.09 0.32
C GLY A 86 27.58 23.20 -0.79
N THR A 87 26.42 23.51 -1.36
CA THR A 87 25.81 22.67 -2.38
C THR A 87 26.30 23.14 -3.75
N THR A 88 26.90 22.22 -4.51
CA THR A 88 27.54 22.58 -5.77
C THR A 88 26.80 22.11 -7.02
N SER A 89 25.73 21.33 -6.91
CA SER A 89 24.93 21.09 -8.11
C SER A 89 23.50 20.70 -7.73
N ILE A 90 22.59 20.88 -8.68
CA ILE A 90 21.18 20.62 -8.45
C ILE A 90 20.62 19.75 -9.57
N ILE A 91 19.53 19.06 -9.26
CA ILE A 91 18.66 18.48 -10.27
C ILE A 91 17.26 19.05 -10.03
N ASP A 92 16.76 19.78 -11.03
CA ASP A 92 15.48 20.47 -10.99
C ASP A 92 14.46 19.64 -11.77
N PHE A 93 13.26 20.19 -12.03
CA PHE A 93 12.20 19.44 -12.69
C PHE A 93 11.59 20.22 -13.85
N VAL A 94 11.59 19.61 -15.03
CA VAL A 94 10.74 20.09 -16.12
C VAL A 94 9.31 19.61 -15.87
N ILE A 95 8.38 20.55 -15.77
CA ILE A 95 6.99 20.18 -15.50
C ILE A 95 6.09 20.65 -16.64
N PRO A 96 5.90 19.83 -17.67
CA PRO A 96 4.98 20.20 -18.75
C PRO A 96 3.55 20.32 -18.24
N ASN A 97 2.80 21.25 -18.83
CA ASN A 97 1.37 21.27 -18.61
C ASN A 97 0.76 20.01 -19.22
N PRO A 98 -0.38 19.56 -18.71
CA PRO A 98 -1.09 18.47 -19.40
C PRO A 98 -1.28 18.80 -20.87
N ARG A 99 -0.97 17.81 -21.71
CA ARG A 99 -1.07 17.87 -23.17
C ARG A 99 0.02 18.72 -23.82
N GLN A 100 0.95 19.27 -23.05
CA GLN A 100 2.08 20.01 -23.59
C GLN A 100 3.24 19.07 -23.90
N SER A 101 3.88 19.29 -25.04
CA SER A 101 5.06 18.53 -25.43
C SER A 101 6.14 18.57 -24.35
N LEU A 102 6.65 17.39 -23.99
CA LEU A 102 7.76 17.32 -23.05
C LEU A 102 8.98 18.04 -23.60
N LEU A 103 9.30 17.83 -24.88
CA LEU A 103 10.45 18.50 -25.47
C LEU A 103 10.28 20.02 -25.46
N GLU A 104 9.07 20.50 -25.80
CA GLU A 104 8.79 21.93 -25.73
C GLU A 104 9.04 22.47 -24.34
N ALA A 105 8.54 21.78 -23.31
CA ALA A 105 8.77 22.21 -21.94
C ALA A 105 10.24 22.13 -21.58
N PHE A 106 10.93 21.10 -22.06
CA PHE A 106 12.35 20.95 -21.76
C PHE A 106 13.14 22.15 -22.26
N HIS A 107 12.92 22.54 -23.51
CA HIS A 107 13.69 23.64 -24.06
C HIS A 107 13.39 24.94 -23.31
N THR A 108 12.14 25.20 -22.98
CA THR A 108 11.81 26.36 -22.16
C THR A 108 12.58 26.35 -20.84
N TRP A 109 12.61 25.20 -20.17
CA TRP A 109 13.31 25.12 -18.87
C TRP A 109 14.82 25.29 -19.05
N ARG A 110 15.39 24.75 -20.14
CA ARG A 110 16.81 24.99 -20.40
C ARG A 110 17.09 26.47 -20.55
N GLY A 111 16.19 27.20 -21.19
CA GLY A 111 16.36 28.64 -21.29
C GLY A 111 16.34 29.29 -19.92
N TRP A 112 15.40 28.89 -19.07
CA TRP A 112 15.36 29.41 -17.70
C TRP A 112 16.62 29.07 -16.92
N ALA A 113 17.12 27.85 -17.05
CA ALA A 113 18.24 27.43 -16.20
C ALA A 113 19.59 27.90 -16.73
N GLN A 114 19.61 28.54 -17.89
CA GLN A 114 20.88 29.00 -18.45
C GLN A 114 21.62 29.93 -17.48
N LYS A 115 20.88 30.65 -16.63
CA LYS A 115 21.47 31.61 -15.71
C LYS A 115 22.11 30.97 -14.47
N SER A 116 22.07 29.65 -14.33
CA SER A 116 22.61 29.01 -13.13
C SER A 116 24.10 29.31 -12.95
N ALA A 117 24.51 29.45 -11.68
CA ALA A 117 25.90 29.72 -11.27
C ALA A 117 26.70 28.46 -10.99
N ALA A 118 26.03 27.31 -10.93
CA ALA A 118 26.66 26.03 -10.65
C ALA A 118 25.97 24.98 -11.49
N ASP A 119 26.55 23.78 -11.54
CA ASP A 119 26.06 22.73 -12.41
C ASP A 119 24.63 22.32 -12.05
N TYR A 120 23.86 21.99 -13.09
CA TYR A 120 22.43 21.68 -12.95
C TYR A 120 22.01 20.62 -13.96
N GLY A 121 20.93 19.90 -13.62
CA GLY A 121 20.31 18.96 -14.52
C GLY A 121 18.83 18.88 -14.25
N PHE A 122 18.13 18.02 -15.01
CA PHE A 122 16.67 17.93 -14.95
C PHE A 122 16.18 16.51 -14.83
N HIS A 123 15.24 16.29 -13.90
CA HIS A 123 14.23 15.26 -14.05
C HIS A 123 13.12 15.82 -14.98
N VAL A 124 12.38 14.94 -15.64
CA VAL A 124 11.25 15.39 -16.45
C VAL A 124 9.98 14.75 -15.92
N ALA A 125 8.95 15.57 -15.66
CA ALA A 125 7.72 15.06 -15.07
C ALA A 125 6.76 14.55 -16.14
N ILE A 126 6.15 13.40 -15.87
CA ILE A 126 5.18 12.77 -16.75
C ILE A 126 3.79 13.20 -16.24
N THR A 127 3.29 14.33 -16.75
CA THR A 127 2.06 14.93 -16.24
C THR A 127 0.83 14.58 -17.07
N TRP A 128 1.00 13.80 -18.12
CA TRP A 128 -0.08 13.27 -18.96
C TRP A 128 0.56 12.16 -19.77
N TRP A 129 -0.28 11.39 -20.47
CA TRP A 129 0.23 10.22 -21.18
C TRP A 129 -0.36 10.11 -22.57
N SER A 130 0.49 9.70 -23.52
CA SER A 130 0.10 9.36 -24.88
C SER A 130 1.30 8.71 -25.55
N ASP A 131 1.08 8.17 -26.76
CA ASP A 131 2.18 7.63 -27.52
C ASP A 131 3.27 8.67 -27.73
N GLU A 132 2.88 9.91 -28.02
CA GLU A 132 3.88 10.94 -28.20
C GLU A 132 4.65 11.23 -26.92
N VAL A 133 3.97 11.22 -25.77
CA VAL A 133 4.72 11.35 -24.52
C VAL A 133 5.79 10.27 -24.46
N ALA A 134 5.41 9.03 -24.82
CA ALA A 134 6.37 7.92 -24.73
C ALA A 134 7.51 8.09 -25.72
N ARG A 135 7.20 8.57 -26.94
CA ARG A 135 8.25 8.83 -27.91
C ARG A 135 9.22 9.88 -27.37
N GLU A 136 8.68 10.98 -26.83
CA GLU A 136 9.51 12.08 -26.34
C GLU A 136 10.39 11.65 -25.16
N MET A 137 9.89 10.81 -24.25
CA MET A 137 10.76 10.28 -23.20
C MET A 137 12.02 9.64 -23.80
N GLY A 138 11.86 8.86 -24.87
CA GLY A 138 13.01 8.24 -25.50
C GLY A 138 13.96 9.26 -26.08
N GLU A 139 13.42 10.29 -26.74
CA GLU A 139 14.29 11.33 -27.29
C GLU A 139 14.98 12.11 -26.16
N LEU A 140 14.30 12.32 -25.04
CA LEU A 140 14.95 13.02 -23.93
C LEU A 140 16.13 12.21 -23.39
N VAL A 141 15.97 10.91 -23.27
CA VAL A 141 17.05 10.07 -22.75
C VAL A 141 18.19 9.99 -23.77
N ALA A 142 17.85 9.81 -25.04
CA ALA A 142 18.88 9.56 -26.04
C ALA A 142 19.66 10.82 -26.38
N GLN A 143 18.99 11.98 -26.44
CA GLN A 143 19.61 13.21 -26.95
C GLN A 143 19.81 14.32 -25.94
N HIS A 144 19.12 14.31 -24.79
CA HIS A 144 19.14 15.47 -23.91
C HIS A 144 19.63 15.15 -22.50
N GLY A 145 20.24 14.00 -22.30
CA GLY A 145 20.91 13.71 -21.03
C GLY A 145 19.99 13.54 -19.83
N VAL A 146 18.71 13.26 -20.05
CA VAL A 146 17.79 12.95 -18.96
C VAL A 146 17.79 11.44 -18.72
N ASN A 147 17.83 11.03 -17.46
CA ASN A 147 17.69 9.60 -17.14
C ASN A 147 16.75 9.34 -15.98
N SER A 148 15.87 10.28 -15.63
CA SER A 148 14.91 10.07 -14.55
C SER A 148 13.63 10.83 -14.88
N PHE A 149 12.50 10.20 -14.57
CA PHE A 149 11.19 10.77 -14.88
C PHE A 149 10.32 10.80 -13.64
N KCX A 150 9.74 11.96 -13.38
CA KCX A 150 9.00 12.25 -12.15
CB KCX A 150 9.29 13.69 -11.70
CG KCX A 150 8.41 14.22 -10.54
CD KCX A 150 8.73 13.49 -9.25
CE KCX A 150 8.14 14.19 -8.00
NZ KCX A 150 8.50 15.64 -7.98
C KCX A 150 7.50 12.04 -12.35
O KCX A 150 6.93 12.44 -13.39
CX KCX A 150 8.12 16.41 -6.95
OQ1 KCX A 150 7.49 15.94 -5.99
OQ2 KCX A 150 8.38 17.64 -6.95
N HIS A 151 6.86 11.41 -11.37
CA HIS A 151 5.44 11.12 -11.40
C HIS A 151 4.79 11.68 -10.14
N PHE A 152 3.67 12.39 -10.30
CA PHE A 152 2.91 12.95 -9.19
C PHE A 152 1.66 12.12 -8.97
N MET A 153 1.57 11.48 -7.81
CA MET A 153 0.43 10.65 -7.46
C MET A 153 -0.69 11.48 -6.84
N ALA A 154 -0.40 12.71 -6.43
CA ALA A 154 -1.37 13.66 -5.94
C ALA A 154 -1.73 14.64 -7.06
N TYR A 155 -2.48 15.69 -6.70
CA TYR A 155 -2.91 16.74 -7.63
C TYR A 155 -3.96 16.23 -8.62
N LYS A 156 -5.02 15.64 -8.08
CA LYS A 156 -6.16 15.21 -8.87
C LYS A 156 -6.72 16.38 -9.69
N ASN A 157 -7.26 16.06 -10.87
CA ASN A 157 -7.82 17.03 -11.81
C ASN A 157 -6.75 17.94 -12.40
N ALA A 158 -5.47 17.69 -12.12
CA ALA A 158 -4.39 18.48 -12.67
C ALA A 158 -3.37 17.57 -13.36
N ILE A 159 -2.35 17.13 -12.61
CA ILE A 159 -1.22 16.41 -13.18
C ILE A 159 -1.08 15.00 -12.59
N MET A 160 -2.03 14.55 -11.76
CA MET A 160 -1.98 13.19 -11.24
C MET A 160 -1.69 12.16 -12.32
N ALA A 161 -0.81 11.23 -11.98
CA ALA A 161 -0.62 10.01 -12.76
C ALA A 161 -1.37 8.89 -12.04
N ALA A 162 -2.47 8.43 -12.64
CA ALA A 162 -3.19 7.26 -12.14
C ALA A 162 -2.39 6.00 -12.42
N ASP A 163 -2.93 4.88 -11.94
CA ASP A 163 -2.24 3.60 -12.06
C ASP A 163 -1.91 3.29 -13.51
N ASP A 164 -2.83 3.62 -14.44
CA ASP A 164 -2.58 3.27 -15.83
C ASP A 164 -1.40 4.06 -16.39
N THR A 165 -1.26 5.33 -15.99
CA THR A 165 -0.10 6.11 -16.41
C THR A 165 1.16 5.64 -15.70
N LEU A 166 1.08 5.35 -14.40
CA LEU A 166 2.26 4.82 -13.70
C LEU A 166 2.77 3.55 -14.36
N VAL A 167 1.86 2.62 -14.68
CA VAL A 167 2.25 1.38 -15.34
C VAL A 167 2.90 1.67 -16.68
N ALA A 168 2.22 2.42 -17.54
CA ALA A 168 2.76 2.70 -18.87
C ALA A 168 4.08 3.47 -18.81
N SER A 169 4.17 4.45 -17.90
CA SER A 169 5.40 5.24 -17.83
C SER A 169 6.55 4.43 -17.25
N PHE A 170 6.30 3.69 -16.16
CA PHE A 170 7.36 2.83 -15.59
C PHE A 170 7.86 1.83 -16.62
N GLU A 171 6.94 1.23 -17.37
CA GLU A 171 7.35 0.32 -18.43
C GLU A 171 8.26 1.02 -19.41
N ARG A 172 7.92 2.26 -19.82
CA ARG A 172 8.79 3.05 -20.68
C ARG A 172 10.13 3.34 -20.01
N CYS A 173 10.13 3.63 -18.71
CA CYS A 173 11.40 3.85 -18.01
C CYS A 173 12.30 2.62 -18.10
N LEU A 174 11.73 1.44 -17.85
CA LEU A 174 12.52 0.21 -17.94
C LEU A 174 13.10 0.02 -19.34
N GLU A 175 12.31 0.26 -20.39
CA GLU A 175 12.85 0.11 -21.74
C GLU A 175 14.00 1.07 -22.01
N LEU A 176 14.03 2.23 -21.33
CA LEU A 176 15.00 3.27 -21.61
C LEU A 176 16.16 3.29 -20.64
N GLY A 177 16.12 2.47 -19.59
CA GLY A 177 17.12 2.52 -18.55
C GLY A 177 17.04 3.76 -17.70
N ALA A 178 15.84 4.33 -17.53
CA ALA A 178 15.66 5.55 -16.74
C ALA A 178 15.09 5.19 -15.37
N VAL A 179 15.35 6.04 -14.39
CA VAL A 179 14.89 5.85 -13.03
C VAL A 179 13.53 6.53 -12.86
N PRO A 180 12.45 5.80 -12.57
CA PRO A 180 11.19 6.46 -12.20
C PRO A 180 11.29 7.04 -10.79
N THR A 181 10.82 8.28 -10.63
CA THR A 181 10.73 8.93 -9.32
C THR A 181 9.28 9.35 -9.07
N VAL A 182 8.87 9.37 -7.81
CA VAL A 182 7.46 9.51 -7.49
C VAL A 182 7.28 10.43 -6.29
N HIS A 183 6.35 11.38 -6.41
CA HIS A 183 5.77 12.14 -5.30
C HIS A 183 4.58 11.32 -4.81
N ALA A 184 4.71 10.71 -3.63
CA ALA A 184 3.79 9.67 -3.17
C ALA A 184 2.82 10.25 -2.15
N GLU A 185 1.67 10.72 -2.64
CA GLU A 185 0.52 10.98 -1.79
C GLU A 185 -0.72 10.53 -2.54
N ASN A 186 -1.71 9.96 -1.84
CA ASN A 186 -2.92 9.50 -2.52
C ASN A 186 -3.78 10.71 -2.87
N GLY A 187 -3.89 11.00 -4.17
CA GLY A 187 -4.52 12.24 -4.60
C GLY A 187 -6.01 12.24 -4.42
N GLU A 188 -6.66 11.08 -4.54
CA GLU A 188 -8.09 11.02 -4.26
C GLU A 188 -8.40 11.33 -2.80
N LEU A 189 -7.59 10.80 -1.88
CA LEU A 189 -7.84 11.08 -0.47
C LEU A 189 -7.53 12.53 -0.12
N VAL A 190 -6.43 13.07 -0.66
CA VAL A 190 -6.11 14.47 -0.44
C VAL A 190 -7.27 15.35 -0.91
N PHE A 191 -7.74 15.11 -2.14
CA PHE A 191 -8.85 15.87 -2.69
C PHE A 191 -10.09 15.78 -1.80
N HIS A 192 -10.42 14.55 -1.36
CA HIS A 192 -11.58 14.34 -0.50
C HIS A 192 -11.47 15.12 0.79
N LEU A 193 -10.32 15.04 1.45
CA LEU A 193 -10.16 15.68 2.75
C LEU A 193 -10.12 17.20 2.63
N GLN A 194 -9.50 17.71 1.56
CA GLN A 194 -9.48 19.16 1.34
C GLN A 194 -10.89 19.70 1.24
N GLN A 195 -11.73 19.06 0.43
CA GLN A 195 -13.11 19.52 0.24
C GLN A 195 -13.91 19.39 1.54
N LYS A 196 -13.69 18.31 2.28
CA LYS A 196 -14.46 18.14 3.50
C LYS A 196 -14.05 19.14 4.57
N LEU A 197 -12.77 19.50 4.64
CA LEU A 197 -12.34 20.51 5.62
C LEU A 197 -12.84 21.90 5.23
N LEU A 198 -12.74 22.26 3.95
CA LEU A 198 -13.24 23.56 3.50
C LEU A 198 -14.75 23.66 3.66
N ALA A 199 -15.49 22.56 3.52
CA ALA A 199 -16.93 22.60 3.76
C ALA A 199 -17.27 22.72 5.23
N GLN A 200 -16.37 22.32 6.14
CA GLN A 200 -16.57 22.63 7.56
C GLN A 200 -16.08 24.02 7.93
N GLY A 201 -15.66 24.82 6.95
CA GLY A 201 -15.20 26.17 7.23
C GLY A 201 -13.79 26.27 7.78
N LEU A 202 -13.04 25.15 7.83
CA LEU A 202 -11.64 25.13 8.27
C LEU A 202 -10.77 25.54 7.08
N THR A 203 -10.56 26.84 6.94
CA THR A 203 -9.85 27.34 5.77
C THR A 203 -8.41 27.72 6.05
N GLY A 204 -7.95 27.65 7.30
CA GLY A 204 -6.64 28.15 7.66
C GLY A 204 -5.54 27.14 7.41
N PRO A 205 -4.29 27.61 7.53
CA PRO A 205 -3.14 26.71 7.36
C PRO A 205 -3.14 25.50 8.27
N GLU A 206 -3.75 25.59 9.46
CA GLU A 206 -3.86 24.43 10.33
C GLU A 206 -4.63 23.29 9.67
N ALA A 207 -5.45 23.57 8.66
CA ALA A 207 -6.15 22.50 7.95
C ALA A 207 -5.25 21.80 6.94
N HIS A 208 -4.14 22.40 6.56
CA HIS A 208 -3.28 21.80 5.55
C HIS A 208 -2.76 20.42 5.96
N PRO A 209 -2.13 20.24 7.12
CA PRO A 209 -1.71 18.88 7.52
C PRO A 209 -2.87 17.91 7.67
N LEU A 210 -4.04 18.40 8.10
CA LEU A 210 -5.19 17.53 8.28
C LEU A 210 -5.69 16.97 6.96
N SER A 211 -5.48 17.71 5.86
CA SER A 211 -5.97 17.30 4.56
C SER A 211 -5.11 16.23 3.91
N ARG A 212 -3.95 15.89 4.48
CA ARG A 212 -3.08 14.86 3.90
C ARG A 212 -2.29 14.20 5.03
N PRO A 213 -2.98 13.48 5.90
CA PRO A 213 -2.30 12.80 7.01
C PRO A 213 -1.37 11.71 6.52
N PRO A 214 -0.53 11.16 7.41
CA PRO A 214 0.61 10.34 6.96
C PRO A 214 0.23 9.08 6.20
N GLN A 215 -0.90 8.45 6.50
CA GLN A 215 -1.25 7.22 5.80
C GLN A 215 -1.49 7.46 4.33
N VAL A 216 -1.77 8.70 3.95
CA VAL A 216 -1.98 9.06 2.56
C VAL A 216 -0.67 8.98 1.78
N GLU A 217 0.44 9.33 2.44
CA GLU A 217 1.77 9.12 1.87
C GLU A 217 2.15 7.65 1.93
N GLY A 218 1.84 6.98 3.06
CA GLY A 218 2.13 5.56 3.18
C GLY A 218 1.46 4.73 2.10
N GLU A 219 0.18 5.02 1.82
CA GLU A 219 -0.53 4.28 0.79
C GLU A 219 0.12 4.45 -0.57
N ALA A 220 0.39 5.69 -0.95
CA ALA A 220 0.96 5.97 -2.27
C ALA A 220 2.34 5.34 -2.43
N ALA A 221 3.16 5.37 -1.37
CA ALA A 221 4.46 4.73 -1.44
C ALA A 221 4.32 3.24 -1.70
N SER A 222 3.47 2.58 -0.91
CA SER A 222 3.19 1.17 -1.13
C SER A 222 2.81 0.90 -2.58
N ARG A 223 1.94 1.75 -3.14
CA ARG A 223 1.44 1.48 -4.48
C ARG A 223 2.55 1.66 -5.54
N ALA A 224 3.32 2.74 -5.44
CA ALA A 224 4.40 2.95 -6.40
C ALA A 224 5.47 1.87 -6.24
N ILE A 225 5.80 1.54 -5.00
CA ILE A 225 6.77 0.46 -4.75
C ILE A 225 6.32 -0.84 -5.41
N ARG A 226 5.03 -1.19 -5.24
CA ARG A 226 4.61 -2.49 -5.76
C ARG A 226 4.35 -2.48 -7.26
N ILE A 227 4.07 -1.32 -7.87
CA ILE A 227 4.09 -1.23 -9.32
C ILE A 227 5.51 -1.43 -9.83
N ALA A 228 6.47 -0.72 -9.23
CA ALA A 228 7.88 -0.91 -9.60
C ALA A 228 8.33 -2.36 -9.41
N GLU A 229 7.92 -3.01 -8.31
CA GLU A 229 8.28 -4.42 -8.11
C GLU A 229 7.70 -5.27 -9.23
N THR A 230 6.44 -5.01 -9.59
CA THR A 230 5.76 -5.83 -10.57
C THR A 230 6.30 -5.61 -11.98
N LEU A 231 6.73 -4.39 -12.29
CA LEU A 231 7.27 -4.10 -13.61
C LEU A 231 8.77 -4.31 -13.68
N GLY A 232 9.44 -4.53 -12.55
CA GLY A 232 10.86 -4.75 -12.55
C GLY A 232 11.72 -3.52 -12.78
N THR A 233 11.34 -2.38 -12.20
CA THR A 233 12.13 -1.17 -12.28
C THR A 233 12.66 -0.82 -10.90
N PRO A 234 13.71 -0.02 -10.82
CA PRO A 234 14.02 0.66 -9.56
C PRO A 234 12.97 1.70 -9.26
N LEU A 235 13.07 2.37 -8.11
CA LEU A 235 12.08 3.39 -7.77
C LEU A 235 12.72 4.35 -6.77
N TYR A 236 12.62 5.65 -7.04
CA TYR A 236 13.08 6.72 -6.16
C TYR A 236 11.87 7.50 -5.64
N LEU A 237 11.69 7.51 -4.32
CA LEU A 237 10.59 8.23 -3.67
C LEU A 237 11.11 9.56 -3.13
N VAL A 238 10.57 10.67 -3.66
CA VAL A 238 11.00 12.00 -3.23
C VAL A 238 10.41 12.33 -1.85
N HIS A 239 11.06 13.28 -1.17
CA HIS A 239 10.68 13.79 0.15
C HIS A 239 9.81 12.84 0.99
N ILE A 240 10.41 11.81 1.57
CA ILE A 240 9.70 10.93 2.50
C ILE A 240 9.55 11.66 3.82
N SER A 241 8.33 11.66 4.40
CA SER A 241 8.07 12.41 5.61
C SER A 241 7.47 11.60 6.74
N SER A 242 6.99 10.39 6.48
CA SER A 242 6.19 9.66 7.44
C SER A 242 6.79 8.29 7.76
N ARG A 243 6.54 7.86 8.99
CA ARG A 243 6.92 6.52 9.40
C ARG A 243 6.28 5.47 8.50
N GLU A 244 5.02 5.70 8.10
CA GLU A 244 4.29 4.76 7.25
C GLU A 244 5.01 4.56 5.91
N ALA A 245 5.39 5.64 5.23
CA ALA A 245 6.06 5.47 3.94
C ALA A 245 7.45 4.87 4.12
N LEU A 246 8.18 5.29 5.15
CA LEU A 246 9.49 4.71 5.41
C LEU A 246 9.38 3.21 5.67
N ASP A 247 8.39 2.80 6.44
CA ASP A 247 8.19 1.37 6.68
C ASP A 247 7.93 0.61 5.38
N GLU A 248 7.23 1.22 4.42
CA GLU A 248 7.01 0.55 3.13
C GLU A 248 8.29 0.43 2.33
N ILE A 249 9.18 1.42 2.42
CA ILE A 249 10.49 1.32 1.78
C ILE A 249 11.31 0.21 2.43
N ALA A 250 11.36 0.17 3.76
CA ALA A 250 12.15 -0.84 4.43
C ALA A 250 11.63 -2.25 4.12
N TYR A 251 10.31 -2.40 4.02
CA TYR A 251 9.71 -3.70 3.71
C TYR A 251 10.13 -4.19 2.34
N ALA A 252 10.11 -3.30 1.34
CA ALA A 252 10.56 -3.67 0.00
C ALA A 252 12.06 -3.96 -0.04
N ARG A 253 12.84 -3.16 0.68
CA ARG A 253 14.32 -3.32 0.66
C ARG A 253 14.66 -4.64 1.37
N ALA A 254 13.85 -5.04 2.35
CA ALA A 254 14.05 -6.32 3.06
C ALA A 254 13.82 -7.51 2.12
N LYS A 255 13.10 -7.30 1.02
CA LYS A 255 12.87 -8.38 0.02
C LYS A 255 13.81 -8.19 -1.18
N GLY A 256 14.82 -7.32 -1.05
CA GLY A 256 15.81 -7.18 -2.12
C GLY A 256 15.42 -6.20 -3.23
N GLN A 257 14.36 -5.43 -3.06
CA GLN A 257 13.95 -4.56 -4.14
C GLN A 257 14.75 -3.25 -4.13
N PRO A 258 15.16 -2.72 -5.32
CA PRO A 258 15.90 -1.46 -5.36
C PRO A 258 15.01 -0.22 -5.23
N VAL A 259 14.79 0.22 -3.99
CA VAL A 259 13.90 1.34 -3.70
C VAL A 259 14.71 2.33 -2.89
N TYR A 260 14.71 3.59 -3.31
CA TYR A 260 15.49 4.63 -2.65
C TYR A 260 14.54 5.68 -2.09
N GLY A 261 14.91 6.24 -0.95
CA GLY A 261 14.13 7.28 -0.31
C GLY A 261 14.92 8.55 -0.07
N GLU A 262 14.30 9.68 -0.36
CA GLU A 262 14.87 11.01 -0.21
C GLU A 262 14.21 11.68 0.99
N VAL A 263 14.96 12.52 1.72
CA VAL A 263 14.41 13.22 2.88
C VAL A 263 14.95 14.65 2.93
N LEU A 264 14.09 15.58 3.40
CA LEU A 264 14.42 17.00 3.58
C LEU A 264 14.73 17.28 5.06
N ALA A 265 15.61 18.25 5.30
CA ALA A 265 15.93 18.59 6.69
C ALA A 265 14.68 18.99 7.46
N GLY A 266 13.75 19.71 6.81
CA GLY A 266 12.53 20.10 7.50
C GLY A 266 11.77 18.93 8.11
N HIS A 267 11.61 17.85 7.35
CA HIS A 267 10.90 16.70 7.88
C HIS A 267 11.74 15.93 8.89
N LEU A 268 13.05 16.17 8.93
CA LEU A 268 13.85 15.57 10.01
C LEU A 268 13.75 16.38 11.32
N LEU A 269 13.43 17.67 11.25
CA LEU A 269 13.62 18.51 12.43
C LEU A 269 12.41 19.31 12.86
N LEU A 270 11.37 19.41 12.03
CA LEU A 270 10.17 20.17 12.36
C LEU A 270 8.97 19.26 12.55
N ASP A 271 8.03 19.68 13.38
CA ASP A 271 6.79 18.93 13.59
C ASP A 271 5.60 19.78 13.18
N ASP A 272 4.41 19.15 13.20
CA ASP A 272 3.24 19.80 12.62
C ASP A 272 2.68 20.91 13.49
N SER A 273 3.20 21.11 14.71
CA SER A 273 2.74 22.25 15.49
C SER A 273 2.96 23.57 14.77
N VAL A 274 3.89 23.63 13.81
CA VAL A 274 4.16 24.90 13.11
C VAL A 274 2.90 25.44 12.42
N TYR A 275 1.97 24.57 12.05
CA TYR A 275 0.78 25.01 11.33
C TYR A 275 -0.26 25.68 12.24
N ARG A 276 -0.09 25.59 13.54
CA ARG A 276 -1.03 26.23 14.45
C ARG A 276 -0.51 27.55 14.97
N HIS A 277 0.53 28.11 14.34
CA HIS A 277 1.06 29.38 14.76
C HIS A 277 -0.02 30.46 14.66
N PRO A 278 -0.17 31.32 15.66
CA PRO A 278 -1.27 32.30 15.64
C PRO A 278 -1.10 33.39 14.57
N ASP A 279 0.11 33.60 14.05
CA ASP A 279 0.30 34.50 12.93
C ASP A 279 0.09 33.73 11.62
N TRP A 280 -0.88 34.17 10.80
CA TRP A 280 -1.23 33.45 9.58
C TRP A 280 -0.03 33.31 8.64
N ALA A 281 0.72 34.40 8.41
CA ALA A 281 1.84 34.35 7.46
C ALA A 281 2.92 33.38 7.93
N THR A 282 3.15 33.33 9.23
CA THR A 282 4.13 32.39 9.78
C THR A 282 3.70 30.94 9.54
N ALA A 283 2.46 30.60 9.89
CA ALA A 283 1.96 29.26 9.62
C ALA A 283 2.02 28.93 8.13
N ALA A 284 1.62 29.88 7.27
CA ALA A 284 1.60 29.63 5.84
C ALA A 284 2.99 29.43 5.27
N GLY A 285 4.01 30.03 5.90
CA GLY A 285 5.38 29.84 5.44
C GLY A 285 5.82 28.39 5.48
N TYR A 286 5.14 27.55 6.27
CA TYR A 286 5.51 26.15 6.43
C TYR A 286 4.71 25.24 5.50
N VAL A 287 3.77 25.78 4.73
CA VAL A 287 2.85 24.94 3.97
C VAL A 287 3.57 24.41 2.73
N MET A 288 3.81 23.11 2.71
CA MET A 288 4.36 22.38 1.57
C MET A 288 3.77 20.98 1.66
N SER A 289 3.95 20.21 0.60
CA SER A 289 3.38 18.86 0.55
C SER A 289 4.50 17.88 0.23
N PRO A 290 4.69 16.82 1.05
CA PRO A 290 3.93 16.50 2.26
C PRO A 290 4.21 17.51 3.39
N PRO A 291 3.23 17.66 4.28
CA PRO A 291 3.37 18.62 5.39
C PRO A 291 4.29 18.09 6.49
N PHE A 292 4.73 19.00 7.35
CA PHE A 292 5.44 18.58 8.55
C PHE A 292 4.51 17.78 9.44
N ARG A 293 5.09 16.86 10.20
CA ARG A 293 4.41 15.72 10.79
C ARG A 293 4.53 15.72 12.31
N PRO A 294 3.66 15.00 12.99
CA PRO A 294 3.83 14.81 14.44
C PRO A 294 5.20 14.24 14.75
N VAL A 295 5.63 14.45 15.99
CA VAL A 295 7.06 14.33 16.27
C VAL A 295 7.55 12.88 16.19
N GLU A 296 6.66 11.87 16.30
CA GLU A 296 7.15 10.50 16.16
C GLU A 296 7.77 10.25 14.79
N HIS A 297 7.38 11.04 13.80
CA HIS A 297 7.85 10.75 12.44
C HIS A 297 9.29 11.20 12.24
N GLN A 298 9.70 12.29 12.89
CA GLN A 298 11.09 12.73 12.76
C GLN A 298 12.03 11.66 13.30
N GLU A 299 11.71 11.11 14.48
CA GLU A 299 12.52 10.03 15.02
C GLU A 299 12.63 8.85 14.05
N ALA A 300 11.51 8.43 13.47
CA ALA A 300 11.55 7.34 12.50
C ALA A 300 12.47 7.67 11.30
N LEU A 301 12.41 8.90 10.78
CA LEU A 301 13.23 9.23 9.61
C LEU A 301 14.73 9.19 9.93
N TRP A 302 15.12 9.70 11.11
CA TRP A 302 16.51 9.62 11.53
C TRP A 302 16.98 8.17 11.60
N ARG A 303 16.13 7.27 12.11
CA ARG A 303 16.52 5.87 12.14
C ARG A 303 16.60 5.32 10.71
N GLY A 304 15.74 5.79 9.81
CA GLY A 304 15.86 5.42 8.40
C GLY A 304 17.19 5.83 7.80
N LEU A 305 17.65 7.04 8.09
CA LEU A 305 18.98 7.44 7.65
C LEU A 305 20.04 6.51 8.22
N GLN A 306 19.95 6.21 9.52
CA GLN A 306 20.99 5.42 10.16
C GLN A 306 20.99 3.96 9.72
N SER A 307 19.85 3.46 9.27
CA SER A 307 19.72 2.04 8.92
C SER A 307 19.91 1.77 7.43
N GLY A 308 20.10 2.80 6.62
CA GLY A 308 20.23 2.58 5.19
C GLY A 308 18.92 2.43 4.46
N ASN A 309 17.81 2.85 5.05
CA ASN A 309 16.54 2.80 4.35
C ASN A 309 16.08 4.15 3.83
N LEU A 310 16.78 5.22 4.19
CA LEU A 310 16.68 6.53 3.56
C LEU A 310 18.05 6.85 3.01
N HIS A 311 18.12 7.35 1.77
CA HIS A 311 19.38 7.35 1.04
C HIS A 311 19.91 8.71 0.62
N THR A 312 19.06 9.69 0.40
CA THR A 312 19.50 10.99 -0.07
C THR A 312 18.84 12.10 0.75
N THR A 313 19.48 13.27 0.78
CA THR A 313 18.88 14.48 1.34
C THR A 313 18.69 15.49 0.21
N ALA A 314 17.66 16.30 0.35
CA ALA A 314 17.34 17.30 -0.67
C ALA A 314 16.55 18.40 0.04
N THR A 315 16.06 19.38 -0.71
CA THR A 315 15.33 20.48 -0.10
C THR A 315 13.94 20.73 -0.66
N ASP A 316 13.63 20.27 -1.88
CA ASP A 316 12.37 20.66 -2.50
C ASP A 316 12.27 22.19 -2.58
N HIS A 317 13.41 22.83 -2.86
CA HIS A 317 13.57 24.28 -2.81
C HIS A 317 12.55 24.98 -3.71
N CYS A 318 11.52 25.57 -3.11
CA CYS A 318 10.36 26.08 -3.83
C CYS A 318 9.86 27.30 -3.06
N CYS A 319 10.33 28.48 -3.48
CA CYS A 319 10.25 29.69 -2.65
C CYS A 319 9.07 30.55 -3.05
N PHE A 320 8.26 30.94 -2.06
CA PHE A 320 7.16 31.88 -2.25
C PHE A 320 7.14 32.86 -1.09
N CYS A 321 7.08 34.14 -1.40
CA CYS A 321 7.11 35.21 -0.41
C CYS A 321 5.72 35.44 0.15
N ALA A 322 5.66 36.25 1.23
CA ALA A 322 4.43 36.38 2.00
C ALA A 322 3.25 36.77 1.11
N GLU A 323 3.44 37.72 0.20
CA GLU A 323 2.33 38.13 -0.66
C GLU A 323 1.86 36.99 -1.54
N GLN A 324 2.79 36.12 -1.96
CA GLN A 324 2.42 34.96 -2.77
C GLN A 324 1.72 33.90 -1.93
N LYS A 325 2.28 33.58 -0.75
CA LYS A 325 1.60 32.70 0.20
C LYS A 325 0.18 33.18 0.51
N ALA A 326 -0.03 34.50 0.59
CA ALA A 326 -1.33 35.04 0.96
C ALA A 326 -2.38 34.83 -0.12
N MET A 327 -1.98 34.32 -1.28
CA MET A 327 -2.91 33.89 -2.30
C MET A 327 -3.96 32.93 -1.73
N GLY A 328 -3.64 32.22 -0.64
CA GLY A 328 -4.60 31.34 0.00
C GLY A 328 -5.10 31.82 1.37
N ARG A 329 -5.12 33.13 1.58
CA ARG A 329 -5.59 33.66 2.85
C ARG A 329 -6.97 33.14 3.25
N ASP A 330 -7.86 32.89 2.28
CA ASP A 330 -9.20 32.41 2.59
C ASP A 330 -9.40 30.92 2.31
N ASP A 331 -8.36 30.20 1.88
CA ASP A 331 -8.52 28.83 1.40
C ASP A 331 -7.13 28.21 1.39
N PHE A 332 -6.82 27.41 2.41
CA PHE A 332 -5.46 26.87 2.53
C PHE A 332 -5.04 26.11 1.28
N SER A 333 -6.01 25.51 0.57
CA SER A 333 -5.67 24.74 -0.62
C SER A 333 -5.16 25.63 -1.76
N LYS A 334 -5.28 26.96 -1.65
CA LYS A 334 -4.73 27.86 -2.67
C LYS A 334 -3.44 28.55 -2.24
N ILE A 335 -2.91 28.21 -1.07
CA ILE A 335 -1.56 28.64 -0.69
C ILE A 335 -0.56 27.94 -1.60
N PRO A 336 0.32 28.66 -2.31
CA PRO A 336 1.40 27.98 -3.06
C PRO A 336 2.29 27.20 -2.12
N ASN A 337 2.44 25.90 -2.39
CA ASN A 337 3.16 24.98 -1.52
C ASN A 337 4.67 25.06 -1.78
N GLY A 338 5.44 25.04 -0.72
CA GLY A 338 6.88 25.02 -0.85
C GLY A 338 7.57 25.81 0.25
N THR A 339 8.78 25.37 0.58
CA THR A 339 9.66 26.05 1.51
C THR A 339 11.04 26.17 0.89
N ALA A 340 11.87 27.02 1.47
CA ALA A 340 13.24 27.17 1.04
C ALA A 340 14.16 26.26 1.83
N GLY A 341 15.21 25.76 1.19
CA GLY A 341 16.25 25.09 1.96
C GLY A 341 17.62 24.83 1.34
N ILE A 342 17.86 25.26 0.09
CA ILE A 342 19.06 24.78 -0.60
C ILE A 342 20.32 25.27 0.10
N GLU A 343 20.29 26.50 0.62
CA GLU A 343 21.46 27.04 1.31
C GLU A 343 21.68 26.35 2.65
N ASP A 344 20.62 25.85 3.28
CA ASP A 344 20.70 25.43 4.67
C ASP A 344 20.89 23.93 4.87
N ARG A 345 20.68 23.11 3.83
CA ARG A 345 20.61 21.66 4.01
C ARG A 345 21.86 21.09 4.67
N MET A 346 23.05 21.39 4.15
CA MET A 346 24.21 20.69 4.71
C MET A 346 24.54 21.12 6.13
N ALA A 347 24.47 22.40 6.45
CA ALA A 347 24.72 22.77 7.85
C ALA A 347 23.68 22.17 8.78
N LEU A 348 22.41 22.16 8.38
CA LEU A 348 21.39 21.60 9.26
C LEU A 348 21.66 20.13 9.55
N LEU A 349 22.07 19.37 8.53
CA LEU A 349 22.31 17.94 8.70
C LEU A 349 23.61 17.68 9.46
N TRP A 350 24.66 18.44 9.16
CA TRP A 350 25.89 18.32 9.96
C TRP A 350 25.61 18.59 11.43
N ASP A 351 24.96 19.71 11.71
CA ASP A 351 24.76 20.13 13.10
C ASP A 351 23.85 19.17 13.87
N ALA A 352 22.80 18.68 13.22
CA ALA A 352 21.87 17.78 13.88
C ALA A 352 22.36 16.34 13.89
N GLY A 353 23.04 15.92 12.82
CA GLY A 353 23.43 14.54 12.63
C GLY A 353 24.83 14.20 13.09
N VAL A 354 25.83 14.96 12.65
CA VAL A 354 27.23 14.68 12.97
C VAL A 354 27.58 15.13 14.39
N ASN A 355 27.19 16.35 14.78
CA ASN A 355 27.50 16.79 16.14
C ASN A 355 26.90 15.87 17.18
N SER A 356 25.73 15.30 16.90
CA SER A 356 25.01 14.48 17.88
C SER A 356 25.46 13.02 17.90
N GLY A 357 26.33 12.60 16.97
CA GLY A 357 26.68 11.19 16.90
C GLY A 357 25.63 10.31 16.26
N ARG A 358 24.56 10.90 15.74
CA ARG A 358 23.61 10.13 14.95
C ARG A 358 24.20 9.63 13.65
N LEU A 359 25.08 10.42 13.03
CA LEU A 359 25.65 10.09 11.74
C LEU A 359 27.16 10.26 11.78
N SER A 360 27.88 9.33 11.17
CA SER A 360 29.30 9.55 10.96
C SER A 360 29.48 10.65 9.91
N MET A 361 30.71 11.14 9.80
CA MET A 361 31.06 12.09 8.77
C MET A 361 30.96 11.45 7.38
N HIS A 362 31.20 10.15 7.31
CA HIS A 362 31.14 9.43 6.05
C HIS A 362 29.69 9.25 5.60
N GLU A 363 28.79 8.96 6.54
CA GLU A 363 27.38 8.94 6.21
C GLU A 363 26.90 10.32 5.77
N PHE A 364 27.38 11.39 6.42
CA PHE A 364 27.04 12.75 5.98
C PHE A 364 27.40 12.96 4.51
N VAL A 365 28.60 12.56 4.11
CA VAL A 365 28.99 12.70 2.70
C VAL A 365 28.07 11.86 1.80
N ALA A 366 27.85 10.60 2.18
CA ALA A 366 26.99 9.74 1.35
C ALA A 366 25.60 10.36 1.20
N LEU A 367 25.06 10.91 2.29
CA LEU A 367 23.71 11.43 2.29
C LEU A 367 23.58 12.80 1.62
N THR A 368 24.67 13.56 1.46
CA THR A 368 24.59 14.88 0.86
C THR A 368 25.07 14.94 -0.59
N SER A 369 25.81 13.93 -1.06
CA SER A 369 26.25 13.90 -2.45
C SER A 369 26.32 12.49 -3.02
N THR A 370 27.11 11.61 -2.41
CA THR A 370 27.51 10.40 -3.11
C THR A 370 26.34 9.49 -3.47
N ASN A 371 25.37 9.33 -2.56
CA ASN A 371 24.27 8.42 -2.88
C ASN A 371 23.43 8.95 -4.04
N THR A 372 23.12 10.24 -4.05
CA THR A 372 22.40 10.83 -5.17
C THR A 372 23.17 10.59 -6.47
N ALA A 373 24.49 10.81 -6.46
CA ALA A 373 25.30 10.61 -7.65
C ALA A 373 25.22 9.17 -8.14
N LYS A 374 25.34 8.21 -7.23
CA LYS A 374 25.26 6.80 -7.63
C LYS A 374 23.89 6.48 -8.20
N ILE A 375 22.84 6.92 -7.52
CA ILE A 375 21.49 6.54 -7.93
C ILE A 375 21.19 7.04 -9.34
N PHE A 376 21.59 8.27 -9.65
CA PHE A 376 21.27 8.89 -10.93
C PHE A 376 22.41 8.78 -11.93
N ASN A 377 23.36 7.88 -11.68
CA ASN A 377 24.41 7.54 -12.63
C ASN A 377 25.36 8.70 -12.89
N LEU A 378 25.70 9.45 -11.84
CA LEU A 378 26.70 10.52 -11.93
C LEU A 378 27.95 10.24 -11.10
N PHE A 379 28.10 9.04 -10.56
CA PHE A 379 29.27 8.69 -9.76
C PHE A 379 30.24 7.90 -10.63
N PRO A 380 31.56 8.21 -10.62
CA PRO A 380 32.22 9.16 -9.72
C PRO A 380 32.51 10.52 -10.35
N ARG A 381 31.78 10.92 -11.39
CA ARG A 381 31.91 12.29 -11.87
C ARG A 381 31.66 13.28 -10.74
N LYS A 382 30.60 13.04 -9.96
CA LYS A 382 30.19 13.84 -8.82
C LYS A 382 30.20 12.98 -7.57
N GLY A 383 30.17 13.64 -6.42
CA GLY A 383 30.12 12.91 -5.15
C GLY A 383 31.39 12.17 -4.80
N ALA A 384 32.51 12.48 -5.45
CA ALA A 384 33.73 11.70 -5.26
C ALA A 384 34.97 12.58 -5.22
N ILE A 385 35.90 12.25 -4.33
CA ILE A 385 37.18 12.97 -4.34
C ILE A 385 38.23 12.02 -4.90
N ARG A 386 38.44 12.09 -6.21
CA ARG A 386 39.36 11.21 -6.90
C ARG A 386 39.81 11.90 -8.17
N VAL A 387 41.02 11.55 -8.64
CA VAL A 387 41.57 12.23 -9.81
C VAL A 387 40.62 12.06 -11.00
N GLY A 388 40.39 13.14 -11.74
CA GLY A 388 39.51 13.10 -12.89
C GLY A 388 38.06 13.36 -12.59
N ALA A 389 37.65 13.40 -11.32
CA ALA A 389 36.30 13.78 -10.98
C ALA A 389 36.12 15.30 -11.06
N ASP A 390 34.86 15.73 -11.19
CA ASP A 390 34.57 17.15 -11.22
C ASP A 390 35.02 17.80 -9.91
N ALA A 391 35.65 18.96 -10.01
CA ALA A 391 36.18 19.66 -8.84
C ALA A 391 35.08 20.46 -8.14
N ASP A 392 34.11 19.72 -7.60
CA ASP A 392 33.01 20.27 -6.80
C ASP A 392 33.28 19.88 -5.36
N LEU A 393 33.64 20.85 -4.52
CA LEU A 393 34.13 20.57 -3.18
C LEU A 393 33.62 21.61 -2.20
N VAL A 394 33.53 21.21 -0.93
CA VAL A 394 33.21 22.12 0.16
C VAL A 394 34.25 21.96 1.25
N LEU A 395 34.76 23.08 1.76
CA LEU A 395 35.68 23.03 2.88
C LEU A 395 34.87 23.36 4.13
N TRP A 396 34.89 22.45 5.10
CA TRP A 396 33.95 22.46 6.22
C TRP A 396 34.67 22.83 7.51
N ASP A 397 34.16 23.85 8.19
CA ASP A 397 34.76 24.29 9.46
C ASP A 397 33.95 23.74 10.61
N PRO A 398 34.43 22.70 11.30
CA PRO A 398 33.61 22.06 12.36
C PRO A 398 33.33 22.96 13.55
N GLN A 399 34.13 24.00 13.74
CA GLN A 399 33.95 24.91 14.89
C GLN A 399 33.28 26.23 14.48
N GLY A 400 32.96 26.41 13.21
CA GLY A 400 32.27 27.62 12.79
C GLY A 400 30.78 27.56 13.07
N SER A 401 30.18 28.73 13.28
CA SER A 401 28.77 28.80 13.65
C SER A 401 28.04 29.76 12.71
N ARG A 402 26.74 29.52 12.52
CA ARG A 402 25.91 30.42 11.76
C ARG A 402 24.50 30.37 12.32
N THR A 403 23.79 31.49 12.26
CA THR A 403 22.39 31.56 12.69
C THR A 403 21.54 31.79 11.46
N LEU A 404 20.63 30.86 11.17
CA LEU A 404 19.81 30.95 9.97
C LEU A 404 18.74 32.04 10.15
N SER A 405 18.61 32.90 9.15
CA SER A 405 17.61 33.96 9.24
C SER A 405 17.23 34.40 7.83
N ALA A 406 15.93 34.63 7.62
CA ALA A 406 15.51 35.22 6.36
C ALA A 406 16.12 36.60 6.15
N ALA A 407 16.54 37.27 7.22
CA ALA A 407 17.20 38.57 7.10
C ALA A 407 18.62 38.46 6.56
N THR A 408 19.29 37.33 6.79
CA THR A 408 20.68 37.20 6.38
C THR A 408 20.95 36.10 5.35
N HIS A 409 20.00 35.21 5.06
CA HIS A 409 20.31 34.14 4.12
C HIS A 409 20.37 34.70 2.69
N HIS A 410 20.94 33.91 1.77
CA HIS A 410 21.06 34.33 0.38
C HIS A 410 19.89 33.86 -0.50
N GLN A 411 19.01 33.03 0.04
CA GLN A 411 17.83 32.59 -0.70
C GLN A 411 16.86 33.76 -0.88
N ARG A 412 16.39 33.96 -2.11
CA ARG A 412 15.54 35.12 -2.42
C ARG A 412 14.11 34.77 -2.03
N VAL A 413 13.85 34.84 -0.71
CA VAL A 413 12.56 34.50 -0.13
C VAL A 413 12.53 35.18 1.24
N ASP A 414 11.34 35.59 1.68
CA ASP A 414 11.26 36.36 2.91
C ASP A 414 10.96 35.52 4.15
N PHE A 415 11.17 34.20 4.07
CA PHE A 415 10.85 33.30 5.16
C PHE A 415 11.88 32.18 5.21
N ASN A 416 12.24 31.75 6.42
CA ASN A 416 13.14 30.63 6.63
C ASN A 416 12.51 29.73 7.68
N ILE A 417 12.28 28.46 7.34
CA ILE A 417 11.54 27.59 8.24
C ILE A 417 12.38 27.22 9.47
N PHE A 418 13.64 27.65 9.50
CA PHE A 418 14.51 27.46 10.66
C PHE A 418 15.01 28.79 11.23
N GLU A 419 14.22 29.85 11.06
CA GLU A 419 14.52 31.17 11.59
C GLU A 419 15.02 31.08 13.03
N GLY A 420 16.19 31.68 13.28
CA GLY A 420 16.73 31.77 14.61
C GLY A 420 17.51 30.55 15.08
N ARG A 421 17.61 29.51 14.26
CA ARG A 421 18.37 28.32 14.64
C ARG A 421 19.87 28.57 14.42
N THR A 422 20.68 28.27 15.44
CA THR A 422 22.12 28.39 15.33
C THR A 422 22.73 27.00 15.14
N VAL A 423 23.57 26.85 14.11
CA VAL A 423 24.20 25.58 13.83
C VAL A 423 25.70 25.71 14.03
N ARG A 424 26.34 24.61 14.42
CA ARG A 424 27.78 24.52 14.58
C ARG A 424 28.34 23.56 13.53
N GLY A 425 29.29 24.05 12.73
CA GLY A 425 29.76 23.31 11.58
C GLY A 425 29.16 23.89 10.30
N ILE A 426 29.98 24.62 9.54
CA ILE A 426 29.48 25.40 8.41
C ILE A 426 30.50 25.30 7.29
N PRO A 427 30.04 25.52 6.04
CA PRO A 427 30.96 25.52 4.89
C PRO A 427 31.69 26.86 4.84
N SER A 428 33.01 26.81 5.03
CA SER A 428 33.80 28.03 4.94
C SER A 428 34.09 28.41 3.50
N HIS A 429 34.24 27.42 2.63
CA HIS A 429 34.58 27.65 1.23
C HIS A 429 33.85 26.64 0.38
N THR A 430 33.38 27.07 -0.80
CA THR A 430 32.75 26.15 -1.73
C THR A 430 33.41 26.31 -3.10
N ILE A 431 33.71 25.18 -3.73
CA ILE A 431 34.44 25.11 -4.99
C ILE A 431 33.56 24.40 -5.99
N SER A 432 33.40 25.01 -7.18
CA SER A 432 32.53 24.48 -8.23
C SER A 432 33.28 24.59 -9.55
N GLN A 433 33.44 23.47 -10.25
CA GLN A 433 34.26 23.44 -11.47
C GLN A 433 35.68 23.93 -11.20
N GLY A 434 36.18 23.70 -9.97
CA GLY A 434 37.52 24.09 -9.60
C GLY A 434 37.70 25.56 -9.24
N LYS A 435 36.64 26.37 -9.27
CA LYS A 435 36.72 27.77 -8.87
C LYS A 435 36.16 28.00 -7.48
N LEU A 436 36.83 28.86 -6.72
CA LEU A 436 36.34 29.30 -5.42
C LEU A 436 35.16 30.26 -5.60
N LEU A 437 33.93 29.79 -5.32
CA LEU A 437 32.76 30.63 -5.51
C LEU A 437 32.15 31.13 -4.20
N TRP A 438 32.55 30.59 -3.06
CA TRP A 438 32.09 31.03 -1.75
C TRP A 438 33.31 31.00 -0.84
N ALA A 439 33.58 32.08 -0.13
CA ALA A 439 34.82 32.13 0.65
C ALA A 439 34.62 33.08 1.83
N ALA A 440 34.44 32.51 3.01
CA ALA A 440 34.40 33.27 4.26
C ALA A 440 33.42 34.43 4.18
N GLY A 441 32.21 34.12 3.73
CA GLY A 441 31.14 35.11 3.66
C GLY A 441 31.04 35.88 2.36
N ASP A 442 31.96 35.66 1.41
CA ASP A 442 31.95 36.34 0.13
C ASP A 442 31.43 35.40 -0.95
N LEU A 443 30.29 35.74 -1.56
CA LEU A 443 29.68 34.94 -2.61
C LEU A 443 30.13 35.48 -3.97
N ARG A 444 30.75 34.62 -4.77
CA ARG A 444 31.31 35.03 -6.05
C ARG A 444 30.58 34.38 -7.23
N ALA A 445 29.30 34.06 -7.05
CA ALA A 445 28.58 33.35 -8.10
C ALA A 445 28.28 34.28 -9.27
N GLU A 446 28.36 33.73 -10.49
CA GLU A 446 28.14 34.51 -11.72
C GLU A 446 27.05 33.85 -12.57
N PRO A 447 26.07 34.59 -13.06
CA PRO A 447 25.05 33.95 -13.90
C PRO A 447 25.66 33.31 -15.14
N GLY A 448 25.22 32.10 -15.45
CA GLY A 448 25.68 31.38 -16.61
C GLY A 448 26.92 30.55 -16.43
N ALA A 449 27.54 30.55 -15.25
CA ALA A 449 28.77 29.77 -15.08
C ALA A 449 28.48 28.27 -15.04
N GLY A 450 27.31 27.86 -14.57
CA GLY A 450 27.04 26.44 -14.42
C GLY A 450 26.82 25.75 -15.75
N ARG A 451 27.09 24.45 -15.77
CA ARG A 451 26.87 23.63 -16.97
C ARG A 451 25.65 22.74 -16.79
N TYR A 452 24.94 22.52 -17.89
CA TYR A 452 23.93 21.46 -17.91
C TYR A 452 24.62 20.10 -17.82
N VAL A 453 24.16 19.27 -16.89
CA VAL A 453 24.80 18.00 -16.60
C VAL A 453 23.92 16.87 -17.16
N GLU A 454 24.45 16.17 -18.15
CA GLU A 454 23.80 14.98 -18.69
C GLU A 454 24.06 13.77 -17.82
N ARG A 455 23.04 12.92 -17.66
CA ARG A 455 23.12 11.70 -16.87
C ARG A 455 22.87 10.51 -17.79
N PRO A 456 23.83 9.62 -17.99
CA PRO A 456 23.62 8.51 -18.93
C PRO A 456 22.60 7.52 -18.40
N ALA A 457 21.91 6.89 -19.34
CA ALA A 457 20.92 5.88 -19.01
C ALA A 457 21.59 4.64 -18.48
N TYR A 458 20.76 3.73 -17.94
CA TYR A 458 21.14 2.41 -17.46
C TYR A 458 22.14 2.47 -16.32
N PRO A 459 21.80 3.08 -15.20
CA PRO A 459 22.64 2.89 -14.00
C PRO A 459 22.79 1.41 -13.70
N SER A 460 23.78 1.09 -12.88
CA SER A 460 24.20 -0.30 -12.70
C SER A 460 23.06 -1.22 -12.25
N VAL A 461 22.09 -0.67 -11.52
CA VAL A 461 21.02 -1.52 -11.00
C VAL A 461 20.29 -2.26 -12.11
N TYR A 462 20.20 -1.68 -13.31
CA TYR A 462 19.50 -2.37 -14.39
C TYR A 462 20.21 -3.66 -14.81
N GLU A 463 21.52 -3.75 -14.61
CA GLU A 463 22.21 -4.99 -14.98
C GLU A 463 21.71 -6.15 -14.12
N VAL A 464 21.66 -5.94 -12.81
CA VAL A 464 21.19 -7.02 -11.92
C VAL A 464 19.70 -7.28 -12.15
N LEU A 465 18.92 -6.23 -12.41
CA LEU A 465 17.50 -6.43 -12.74
C LEU A 465 17.33 -7.30 -13.97
N GLY A 466 18.20 -7.13 -14.97
CA GLY A 466 18.10 -7.93 -16.19
C GLY A 466 18.41 -9.40 -15.97
N ARG A 467 19.42 -9.71 -15.17
CA ARG A 467 19.68 -11.10 -14.83
C ARG A 467 18.53 -11.69 -14.01
N ARG A 468 18.01 -10.93 -13.04
CA ARG A 468 16.85 -11.38 -12.28
C ARG A 468 15.69 -11.73 -13.20
N ALA A 469 15.38 -10.85 -14.15
CA ALA A 469 14.23 -11.07 -15.03
C ALA A 469 14.43 -12.32 -15.88
N GLU A 470 15.66 -12.55 -16.37
CA GLU A 470 15.92 -13.80 -17.09
C GLU A 470 15.73 -15.01 -16.17
N ARG A 471 16.30 -14.95 -14.97
CA ARG A 471 16.20 -16.09 -14.06
C ARG A 471 14.74 -16.39 -13.71
N GLN A 472 13.91 -15.35 -13.60
CA GLN A 472 12.53 -15.52 -13.19
C GLN A 472 11.56 -15.62 -14.36
N ARG A 473 12.08 -15.73 -15.61
CA ARG A 473 11.30 -15.98 -16.82
C ARG A 473 10.11 -16.88 -16.53
N PRO A 474 8.90 -16.54 -16.99
CA PRO A 474 7.84 -17.55 -17.04
C PRO A 474 8.22 -18.69 -17.96
N VAL A 475 7.86 -19.91 -17.58
CA VAL A 475 8.11 -21.09 -18.41
C VAL A 475 6.81 -21.83 -18.63
N ALA A 476 6.40 -21.96 -19.90
CA ALA A 476 5.17 -22.68 -20.22
C ALA A 476 5.28 -24.14 -19.77
N VAL A 477 4.14 -24.69 -19.34
CA VAL A 477 4.07 -26.11 -19.04
C VAL A 477 3.84 -26.86 -20.36
N GLU A 478 4.61 -27.92 -20.59
CA GLU A 478 4.43 -28.73 -21.80
C GLU A 478 3.45 -29.86 -21.51
N ARG A 479 2.35 -29.89 -22.27
CA ARG A 479 1.31 -30.90 -22.13
C ARG A 479 0.82 -31.30 -23.52
N SER B 2 -38.88 -31.34 19.19
CA SER B 2 -37.66 -30.89 19.82
C SER B 2 -36.55 -31.94 19.69
N LEU B 3 -35.32 -31.53 20.03
CA LEU B 3 -34.14 -32.37 19.86
C LEU B 3 -33.21 -32.14 21.04
N LEU B 4 -32.77 -33.23 21.67
CA LEU B 4 -31.90 -33.16 22.83
C LEU B 4 -30.60 -33.91 22.51
N ILE B 5 -29.48 -33.18 22.55
CA ILE B 5 -28.16 -33.78 22.37
C ILE B 5 -27.61 -34.06 23.75
N ARG B 6 -27.38 -35.34 24.05
CA ARG B 6 -27.03 -35.78 25.38
C ARG B 6 -25.65 -36.44 25.35
N GLY B 7 -24.84 -36.16 26.37
CA GLY B 7 -23.57 -36.84 26.56
C GLY B 7 -22.35 -36.20 25.91
N ALA B 8 -22.53 -35.10 25.17
CA ALA B 8 -21.41 -34.48 24.47
C ALA B 8 -20.62 -33.56 25.39
N THR B 9 -19.41 -33.19 24.96
CA THR B 9 -18.70 -32.06 25.53
C THR B 9 -19.01 -30.82 24.68
N VAL B 10 -19.63 -29.82 25.31
CA VAL B 10 -19.85 -28.55 24.63
C VAL B 10 -18.53 -27.83 24.49
N VAL B 11 -18.23 -27.37 23.28
CA VAL B 11 -17.00 -26.64 22.98
C VAL B 11 -17.38 -25.32 22.33
N THR B 12 -17.02 -24.20 22.97
CA THR B 12 -17.31 -22.86 22.47
C THR B 12 -16.02 -22.20 22.01
N HIS B 13 -16.09 -20.90 21.76
CA HIS B 13 -14.91 -20.14 21.36
C HIS B 13 -13.99 -19.82 22.52
N GLU B 14 -14.32 -20.26 23.74
CA GLU B 14 -13.43 -19.98 24.85
C GLU B 14 -13.34 -21.10 25.89
N GLU B 15 -14.24 -22.08 25.91
CA GLU B 15 -14.26 -23.05 27.00
C GLU B 15 -14.87 -24.35 26.53
N SER B 16 -14.64 -25.40 27.32
CA SER B 16 -15.25 -26.71 27.14
C SER B 16 -15.93 -27.11 28.43
N TYR B 17 -17.08 -27.79 28.33
CA TYR B 17 -17.73 -28.33 29.51
C TYR B 17 -18.75 -29.37 29.08
N ARG B 18 -18.94 -30.39 29.91
CA ARG B 18 -19.93 -31.42 29.61
C ARG B 18 -21.32 -30.92 29.93
N ALA B 19 -22.25 -31.17 29.03
CA ALA B 19 -23.61 -30.71 29.25
C ALA B 19 -24.49 -31.25 28.15
N ASP B 20 -25.78 -31.37 28.46
CA ASP B 20 -26.77 -31.69 27.45
C ASP B 20 -27.30 -30.37 26.88
N VAL B 21 -27.86 -30.45 25.67
CA VAL B 21 -28.41 -29.28 25.00
C VAL B 21 -29.77 -29.64 24.41
N LEU B 22 -30.81 -28.92 24.82
CA LEU B 22 -32.17 -29.07 24.31
C LEU B 22 -32.48 -27.98 23.30
N CYS B 23 -33.03 -28.37 22.15
CA CYS B 23 -33.45 -27.43 21.10
C CYS B 23 -34.95 -27.56 20.89
N ALA B 24 -35.61 -26.43 20.65
CA ALA B 24 -37.01 -26.46 20.25
C ALA B 24 -37.39 -25.14 19.61
N ASN B 25 -38.30 -25.19 18.64
CA ASN B 25 -38.79 -23.99 17.97
C ASN B 25 -37.65 -23.20 17.33
N GLY B 26 -36.64 -23.90 16.83
CA GLY B 26 -35.51 -23.27 16.17
C GLY B 26 -34.43 -22.69 17.08
N LEU B 27 -34.58 -22.81 18.40
CA LEU B 27 -33.69 -22.15 19.35
C LEU B 27 -33.12 -23.16 20.34
N ILE B 28 -32.05 -22.77 21.02
CA ILE B 28 -31.55 -23.52 22.15
C ILE B 28 -32.40 -23.16 23.37
N GLN B 29 -33.02 -24.16 23.98
CA GLN B 29 -33.97 -23.89 25.07
C GLN B 29 -33.37 -24.14 26.46
N ALA B 30 -32.56 -25.18 26.62
CA ALA B 30 -31.96 -25.50 27.91
C ALA B 30 -30.55 -26.02 27.70
N ILE B 31 -29.67 -25.74 28.67
CA ILE B 31 -28.32 -26.28 28.70
C ILE B 31 -28.01 -26.70 30.13
N GLY B 32 -27.55 -27.93 30.32
CA GLY B 32 -27.15 -28.37 31.64
C GLY B 32 -26.90 -29.85 31.65
N GLU B 33 -26.47 -30.34 32.81
CA GLU B 33 -26.26 -31.77 32.94
C GLU B 33 -27.59 -32.48 33.19
N ASN B 34 -27.77 -33.62 32.51
CA ASN B 34 -28.91 -34.51 32.74
C ASN B 34 -30.25 -33.78 32.65
N LEU B 35 -30.43 -33.04 31.55
CA LEU B 35 -31.69 -32.34 31.34
C LEU B 35 -32.87 -33.31 31.21
N GLU B 36 -34.03 -32.88 31.70
CA GLU B 36 -35.27 -33.59 31.45
C GLU B 36 -35.56 -33.62 29.96
N THR B 37 -36.28 -34.64 29.52
CA THR B 37 -36.70 -34.76 28.14
C THR B 37 -38.17 -34.40 28.00
N PRO B 38 -38.53 -33.36 27.25
CA PRO B 38 -39.95 -33.15 26.93
C PRO B 38 -40.51 -34.35 26.19
N SER B 39 -41.83 -34.52 26.29
CA SER B 39 -42.48 -35.68 25.67
C SER B 39 -42.39 -35.61 24.15
N GLY B 40 -42.10 -36.75 23.54
CA GLY B 40 -41.98 -36.83 22.09
C GLY B 40 -40.74 -36.17 21.54
N CYS B 41 -39.70 -36.02 22.35
CA CYS B 41 -38.48 -35.34 21.93
C CYS B 41 -37.48 -36.34 21.39
N ASP B 42 -36.90 -36.03 20.23
CA ASP B 42 -35.81 -36.84 19.71
C ASP B 42 -34.56 -36.65 20.57
N VAL B 43 -33.80 -37.72 20.72
CA VAL B 43 -32.60 -37.72 21.55
C VAL B 43 -31.44 -38.19 20.70
N LEU B 44 -30.39 -37.36 20.60
CA LEU B 44 -29.16 -37.68 19.92
C LEU B 44 -28.09 -38.00 20.93
N ASP B 45 -27.39 -39.12 20.75
CA ASP B 45 -26.39 -39.56 21.71
C ASP B 45 -25.05 -38.96 21.31
N GLY B 46 -24.63 -37.92 22.03
CA GLY B 46 -23.38 -37.25 21.74
C GLY B 46 -22.15 -37.76 22.48
N GLY B 47 -22.23 -38.92 23.13
CA GLY B 47 -21.10 -39.39 23.90
C GLY B 47 -19.84 -39.51 23.07
N GLY B 48 -18.72 -39.07 23.65
CA GLY B 48 -17.44 -39.13 22.98
C GLY B 48 -17.20 -38.08 21.91
N GLN B 49 -18.14 -37.16 21.69
CA GLN B 49 -18.03 -36.17 20.64
C GLN B 49 -18.08 -34.76 21.23
N TYR B 50 -17.78 -33.78 20.38
CA TYR B 50 -17.79 -32.37 20.72
C TYR B 50 -18.97 -31.71 20.03
N LEU B 51 -19.77 -30.95 20.80
CA LEU B 51 -20.91 -30.20 20.29
C LEU B 51 -20.51 -28.73 20.18
N MET B 52 -20.58 -28.19 18.97
CA MET B 52 -20.01 -26.89 18.64
C MET B 52 -21.05 -26.08 17.88
N PRO B 53 -20.95 -24.76 17.88
CA PRO B 53 -21.82 -23.98 16.99
C PRO B 53 -21.60 -24.41 15.54
N GLY B 54 -22.68 -24.44 14.77
CA GLY B 54 -22.55 -24.74 13.36
C GLY B 54 -21.70 -23.70 12.66
N GLY B 55 -20.98 -24.13 11.62
CA GLY B 55 -20.09 -23.23 10.93
C GLY B 55 -20.88 -22.15 10.22
N ILE B 56 -20.28 -20.97 10.10
CA ILE B 56 -20.81 -19.89 9.29
C ILE B 56 -19.81 -19.60 8.19
N ASP B 57 -20.25 -19.67 6.93
CA ASP B 57 -19.38 -19.41 5.79
C ASP B 57 -19.76 -18.05 5.22
N PRO B 58 -19.04 -16.98 5.55
CA PRO B 58 -19.42 -15.64 5.06
C PRO B 58 -19.01 -15.37 3.62
N HIS B 59 -18.63 -16.39 2.84
CA HIS B 59 -18.15 -16.11 1.48
C HIS B 59 -18.57 -17.24 0.52
N THR B 60 -19.76 -17.12 -0.06
CA THR B 60 -20.22 -18.09 -1.05
C THR B 60 -20.81 -17.39 -2.27
N HIS B 61 -20.88 -18.11 -3.40
CA HIS B 61 -21.38 -17.59 -4.66
C HIS B 61 -22.26 -18.64 -5.36
N MET B 62 -23.38 -19.01 -4.73
CA MET B 62 -24.23 -20.04 -5.31
C MET B 62 -24.85 -19.55 -6.62
N GLN B 63 -24.86 -20.44 -7.62
CA GLN B 63 -25.34 -20.16 -8.96
C GLN B 63 -25.01 -18.74 -9.44
N LEU B 64 -23.77 -18.31 -9.20
CA LEU B 64 -23.33 -17.00 -9.68
C LEU B 64 -23.23 -17.00 -11.20
N PRO B 65 -23.89 -16.06 -11.89
CA PRO B 65 -23.77 -16.02 -13.36
C PRO B 65 -22.36 -15.71 -13.82
N PHE B 66 -21.92 -16.41 -14.88
CA PHE B 66 -20.72 -16.02 -15.60
C PHE B 66 -20.89 -16.31 -17.09
N MET B 67 -20.76 -15.26 -17.89
CA MET B 67 -21.03 -15.36 -19.33
C MET B 67 -22.50 -15.78 -19.48
N GLY B 68 -22.83 -16.62 -20.47
CA GLY B 68 -24.16 -17.18 -20.57
C GLY B 68 -24.38 -18.40 -19.70
N THR B 69 -23.41 -18.71 -18.84
CA THR B 69 -23.43 -19.85 -17.93
C THR B 69 -23.39 -19.37 -16.48
N VAL B 70 -23.48 -20.33 -15.57
CA VAL B 70 -23.68 -20.04 -14.16
C VAL B 70 -22.96 -21.11 -13.35
N ALA B 71 -22.49 -20.75 -12.17
CA ALA B 71 -21.89 -21.73 -11.28
C ALA B 71 -22.76 -22.98 -11.20
N SER B 72 -22.10 -24.15 -11.21
CA SER B 72 -22.82 -25.41 -11.28
C SER B 72 -23.49 -25.78 -9.96
N GLU B 73 -23.12 -25.12 -8.88
CA GLU B 73 -23.78 -25.27 -7.58
C GLU B 73 -24.89 -24.21 -7.46
N ASP B 74 -26.11 -24.62 -7.07
CA ASP B 74 -27.17 -23.64 -6.83
C ASP B 74 -27.43 -23.51 -5.32
N PHE B 75 -28.37 -22.62 -4.95
CA PHE B 75 -28.55 -22.30 -3.53
C PHE B 75 -29.01 -23.49 -2.70
N PHE B 76 -29.76 -24.42 -3.29
CA PHE B 76 -30.12 -25.62 -2.54
C PHE B 76 -28.95 -26.59 -2.45
N SER B 77 -28.38 -27.00 -3.59
CA SER B 77 -27.30 -27.98 -3.54
C SER B 77 -26.12 -27.46 -2.72
N GLY B 78 -25.85 -26.16 -2.81
CA GLY B 78 -24.74 -25.58 -2.05
C GLY B 78 -24.97 -25.57 -0.55
N THR B 79 -26.16 -25.11 -0.11
CA THR B 79 -26.45 -25.11 1.32
C THR B 79 -26.58 -26.53 1.87
N ALA B 80 -27.09 -27.47 1.06
CA ALA B 80 -27.15 -28.86 1.48
C ALA B 80 -25.75 -29.43 1.66
N ALA B 81 -24.85 -29.11 0.73
CA ALA B 81 -23.48 -29.57 0.86
C ALA B 81 -22.81 -28.96 2.10
N GLY B 82 -23.08 -27.69 2.39
CA GLY B 82 -22.55 -27.11 3.62
C GLY B 82 -22.99 -27.88 4.86
N LEU B 83 -24.27 -28.19 4.95
CA LEU B 83 -24.80 -28.95 6.08
C LEU B 83 -24.09 -30.28 6.25
N ALA B 84 -23.83 -30.98 5.14
CA ALA B 84 -23.10 -32.24 5.25
C ALA B 84 -21.73 -32.04 5.86
N GLY B 85 -21.13 -30.86 5.68
CA GLY B 85 -19.83 -30.56 6.23
C GLY B 85 -19.82 -29.77 7.51
N GLY B 86 -20.97 -29.60 8.17
CA GLY B 86 -21.04 -28.92 9.45
C GLY B 86 -21.29 -27.42 9.39
N THR B 87 -21.41 -26.85 8.20
CA THR B 87 -21.69 -25.44 8.03
C THR B 87 -23.20 -25.23 7.99
N THR B 88 -23.72 -24.39 8.88
CA THR B 88 -25.16 -24.27 9.03
C THR B 88 -25.73 -22.96 8.47
N SER B 89 -24.90 -22.01 8.08
CA SER B 89 -25.43 -20.80 7.45
C SER B 89 -24.35 -20.15 6.60
N ILE B 90 -24.81 -19.35 5.61
CA ILE B 90 -23.92 -18.73 4.66
C ILE B 90 -24.23 -17.24 4.55
N ILE B 91 -23.27 -16.50 4.03
CA ILE B 91 -23.51 -15.15 3.52
C ILE B 91 -22.96 -15.11 2.10
N ASP B 92 -23.86 -14.91 1.14
CA ASP B 92 -23.59 -14.91 -0.28
C ASP B 92 -23.43 -13.45 -0.74
N PHE B 93 -23.44 -13.22 -2.05
CA PHE B 93 -23.18 -11.90 -2.61
C PHE B 93 -24.22 -11.58 -3.69
N VAL B 94 -24.91 -10.46 -3.54
CA VAL B 94 -25.65 -9.87 -4.64
C VAL B 94 -24.67 -9.04 -5.45
N ILE B 95 -24.52 -9.36 -6.73
CA ILE B 95 -23.55 -8.65 -7.58
C ILE B 95 -24.29 -7.96 -8.72
N PRO B 96 -24.70 -6.71 -8.56
CA PRO B 96 -25.33 -5.99 -9.67
C PRO B 96 -24.37 -5.84 -10.85
N ASN B 97 -24.93 -5.94 -12.05
CA ASN B 97 -24.20 -5.49 -13.23
C ASN B 97 -23.92 -4.00 -13.11
N PRO B 98 -22.90 -3.50 -13.80
CA PRO B 98 -22.71 -2.06 -13.85
C PRO B 98 -23.96 -1.39 -14.38
N ARG B 99 -24.35 -0.29 -13.72
CA ARG B 99 -25.53 0.51 -14.03
C ARG B 99 -26.84 -0.22 -13.76
N GLN B 100 -26.81 -1.38 -13.11
CA GLN B 100 -28.04 -2.04 -12.73
C GLN B 100 -28.40 -1.67 -11.29
N SER B 101 -29.69 -1.40 -11.08
CA SER B 101 -30.22 -1.14 -9.74
C SER B 101 -29.78 -2.21 -8.74
N LEU B 102 -29.23 -1.77 -7.60
CA LEU B 102 -28.90 -2.71 -6.53
C LEU B 102 -30.14 -3.45 -6.02
N LEU B 103 -31.27 -2.75 -5.89
CA LEU B 103 -32.45 -3.40 -5.37
C LEU B 103 -32.99 -4.42 -6.36
N GLU B 104 -32.93 -4.09 -7.65
CA GLU B 104 -33.33 -5.06 -8.67
C GLU B 104 -32.50 -6.34 -8.57
N ALA B 105 -31.16 -6.20 -8.55
CA ALA B 105 -30.32 -7.38 -8.37
C ALA B 105 -30.67 -8.13 -7.08
N PHE B 106 -30.94 -7.39 -5.99
CA PHE B 106 -31.22 -8.03 -4.70
C PHE B 106 -32.46 -8.90 -4.78
N HIS B 107 -33.54 -8.40 -5.37
CA HIS B 107 -34.75 -9.20 -5.44
C HIS B 107 -34.55 -10.43 -6.32
N THR B 108 -33.76 -10.29 -7.39
CA THR B 108 -33.41 -11.44 -8.21
C THR B 108 -32.73 -12.52 -7.38
N TRP B 109 -31.69 -12.12 -6.63
CA TRP B 109 -30.93 -13.07 -5.83
C TRP B 109 -31.80 -13.67 -4.73
N ARG B 110 -32.68 -12.87 -4.12
CA ARG B 110 -33.60 -13.42 -3.12
C ARG B 110 -34.46 -14.52 -3.73
N GLY B 111 -34.93 -14.31 -4.96
CA GLY B 111 -35.67 -15.35 -5.65
C GLY B 111 -34.85 -16.61 -5.86
N TRP B 112 -33.57 -16.44 -6.24
CA TRP B 112 -32.69 -17.61 -6.40
C TRP B 112 -32.42 -18.29 -5.08
N ALA B 113 -32.38 -17.53 -4.00
CA ALA B 113 -31.97 -18.08 -2.72
C ALA B 113 -33.11 -18.71 -1.94
N GLN B 114 -34.37 -18.51 -2.37
CA GLN B 114 -35.49 -19.07 -1.62
C GLN B 114 -35.31 -20.57 -1.38
N LYS B 115 -34.77 -21.29 -2.37
CA LYS B 115 -34.64 -22.75 -2.30
C LYS B 115 -33.58 -23.22 -1.30
N SER B 116 -32.84 -22.32 -0.64
CA SER B 116 -31.79 -22.76 0.27
C SER B 116 -32.33 -23.71 1.34
N ALA B 117 -31.50 -24.66 1.73
CA ALA B 117 -31.85 -25.64 2.74
C ALA B 117 -31.52 -25.18 4.16
N ALA B 118 -30.74 -24.11 4.31
CA ALA B 118 -30.29 -23.63 5.60
C ALA B 118 -30.25 -22.10 5.55
N ASP B 119 -30.05 -21.49 6.73
CA ASP B 119 -30.13 -20.03 6.83
C ASP B 119 -29.07 -19.36 5.95
N TYR B 120 -29.44 -18.20 5.39
CA TYR B 120 -28.59 -17.49 4.44
C TYR B 120 -28.82 -15.98 4.53
N GLY B 121 -27.77 -15.23 4.19
CA GLY B 121 -27.88 -13.79 4.07
C GLY B 121 -27.05 -13.31 2.89
N PHE B 122 -27.07 -11.98 2.69
CA PHE B 122 -26.38 -11.41 1.54
C PHE B 122 -25.52 -10.23 1.98
N HIS B 123 -24.29 -10.19 1.46
CA HIS B 123 -23.59 -8.95 1.18
C HIS B 123 -24.07 -8.40 -0.15
N VAL B 124 -23.92 -7.11 -0.36
CA VAL B 124 -24.28 -6.51 -1.64
C VAL B 124 -23.06 -5.80 -2.20
N ALA B 125 -22.71 -6.12 -3.45
CA ALA B 125 -21.52 -5.57 -4.09
C ALA B 125 -21.80 -4.22 -4.74
N ILE B 126 -20.86 -3.29 -4.57
CA ILE B 126 -20.93 -1.95 -5.16
C ILE B 126 -20.09 -1.98 -6.43
N THR B 127 -20.71 -2.35 -7.53
CA THR B 127 -20.02 -2.55 -8.81
C THR B 127 -20.03 -1.31 -9.71
N TRP B 128 -20.62 -0.21 -9.23
CA TRP B 128 -20.65 1.07 -9.93
C TRP B 128 -21.15 2.10 -8.93
N TRP B 129 -21.07 3.38 -9.29
CA TRP B 129 -21.41 4.45 -8.36
C TRP B 129 -22.29 5.52 -8.99
N SER B 130 -23.22 6.04 -8.19
CA SER B 130 -24.06 7.19 -8.52
C SER B 130 -24.77 7.59 -7.23
N ASP B 131 -25.38 8.78 -7.24
CA ASP B 131 -26.27 9.16 -6.16
C ASP B 131 -27.33 8.09 -5.88
N GLU B 132 -27.79 7.41 -6.93
CA GLU B 132 -28.84 6.42 -6.74
C GLU B 132 -28.31 5.18 -6.01
N VAL B 133 -27.13 4.68 -6.42
CA VAL B 133 -26.50 3.58 -5.67
C VAL B 133 -26.45 3.92 -4.19
N ALA B 134 -25.97 5.11 -3.85
CA ALA B 134 -25.89 5.51 -2.45
C ALA B 134 -27.24 5.44 -1.76
N ARG B 135 -28.30 5.92 -2.42
CA ARG B 135 -29.63 5.85 -1.80
C ARG B 135 -30.09 4.41 -1.66
N GLU B 136 -29.78 3.56 -2.64
CA GLU B 136 -30.19 2.16 -2.56
C GLU B 136 -29.48 1.43 -1.43
N MET B 137 -28.18 1.68 -1.19
CA MET B 137 -27.59 1.03 -0.01
C MET B 137 -28.30 1.45 1.28
N GLY B 138 -28.79 2.68 1.40
CA GLY B 138 -29.55 3.05 2.59
C GLY B 138 -30.80 2.20 2.75
N GLU B 139 -31.49 1.93 1.65
CA GLU B 139 -32.70 1.14 1.70
C GLU B 139 -32.40 -0.34 1.99
N LEU B 140 -31.33 -0.88 1.40
CA LEU B 140 -30.91 -2.25 1.69
C LEU B 140 -30.64 -2.44 3.18
N VAL B 141 -29.93 -1.50 3.80
CA VAL B 141 -29.64 -1.59 5.23
C VAL B 141 -30.91 -1.44 6.06
N ALA B 142 -31.76 -0.46 5.72
CA ALA B 142 -32.87 -0.11 6.59
C ALA B 142 -34.06 -1.05 6.43
N GLN B 143 -34.28 -1.61 5.25
CA GLN B 143 -35.47 -2.41 5.01
C GLN B 143 -35.17 -3.86 4.63
N HIS B 144 -33.92 -4.22 4.35
CA HIS B 144 -33.64 -5.56 3.84
C HIS B 144 -32.56 -6.32 4.59
N GLY B 145 -32.15 -5.87 5.77
CA GLY B 145 -31.27 -6.69 6.60
C GLY B 145 -29.84 -6.80 6.14
N VAL B 146 -29.39 -5.98 5.19
CA VAL B 146 -28.00 -5.97 4.76
C VAL B 146 -27.20 -5.03 5.66
N ASN B 147 -26.02 -5.47 6.10
CA ASN B 147 -25.18 -4.55 6.86
C ASN B 147 -23.73 -4.57 6.39
N SER B 148 -23.48 -5.04 5.18
CA SER B 148 -22.12 -5.13 4.69
C SER B 148 -22.14 -5.06 3.17
N PHE B 149 -21.23 -4.26 2.63
CA PHE B 149 -21.14 -4.02 1.20
C PHE B 149 -19.77 -4.36 0.66
N KCX B 150 -19.76 -5.15 -0.42
CA KCX B 150 -18.56 -5.71 -1.03
CB KCX B 150 -18.86 -7.13 -1.54
CG KCX B 150 -17.77 -7.76 -2.46
CD KCX B 150 -16.58 -8.20 -1.62
CE KCX B 150 -15.67 -9.18 -2.36
NZ KCX B 150 -16.39 -10.37 -2.92
C KCX B 150 -18.03 -4.83 -2.17
O KCX B 150 -18.81 -4.31 -2.97
CX KCX B 150 -15.69 -11.38 -3.44
OQ1 KCX B 150 -16.27 -12.37 -3.94
OQ2 KCX B 150 -14.44 -11.35 -3.44
N HIS B 151 -16.71 -4.67 -2.23
CA HIS B 151 -16.04 -3.90 -3.28
C HIS B 151 -14.94 -4.75 -3.95
N PHE B 152 -14.93 -4.77 -5.28
CA PHE B 152 -13.91 -5.47 -6.05
C PHE B 152 -12.89 -4.45 -6.55
N MET B 153 -11.64 -4.58 -6.10
CA MET B 153 -10.58 -3.75 -6.63
C MET B 153 -9.93 -4.33 -7.89
N ALA B 154 -10.26 -5.56 -8.26
CA ALA B 154 -9.80 -6.15 -9.50
C ALA B 154 -10.93 -6.05 -10.52
N TYR B 155 -10.74 -6.66 -11.70
CA TYR B 155 -11.78 -6.74 -12.75
C TYR B 155 -11.93 -5.39 -13.47
N LYS B 156 -10.81 -4.86 -13.97
CA LYS B 156 -10.84 -3.65 -14.77
C LYS B 156 -11.81 -3.81 -15.93
N ASN B 157 -12.43 -2.69 -16.33
CA ASN B 157 -13.43 -2.69 -17.42
C ASN B 157 -14.52 -3.73 -17.17
N ALA B 158 -14.83 -3.98 -15.89
CA ALA B 158 -16.01 -4.73 -15.49
C ALA B 158 -16.56 -4.10 -14.22
N ILE B 159 -16.26 -4.66 -13.04
CA ILE B 159 -16.89 -4.20 -11.80
C ILE B 159 -15.89 -3.51 -10.86
N MET B 160 -14.70 -3.18 -11.35
CA MET B 160 -13.69 -2.53 -10.53
C MET B 160 -14.23 -1.29 -9.84
N ALA B 161 -13.94 -1.19 -8.55
CA ALA B 161 -14.16 0.06 -7.82
C ALA B 161 -12.82 0.78 -7.72
N ALA B 162 -12.69 1.91 -8.44
CA ALA B 162 -11.52 2.76 -8.30
C ALA B 162 -11.60 3.56 -7.01
N ASP B 163 -10.58 4.36 -6.76
CA ASP B 163 -10.48 5.08 -5.48
C ASP B 163 -11.70 5.95 -5.23
N ASP B 164 -12.20 6.63 -6.25
CA ASP B 164 -13.29 7.56 -6.00
C ASP B 164 -14.55 6.81 -5.58
N THR B 165 -14.80 5.65 -6.18
CA THR B 165 -15.92 4.84 -5.74
C THR B 165 -15.65 4.27 -4.35
N LEU B 166 -14.45 3.73 -4.12
CA LEU B 166 -14.13 3.25 -2.79
C LEU B 166 -14.38 4.32 -1.75
N VAL B 167 -13.98 5.57 -2.04
CA VAL B 167 -14.11 6.63 -1.05
C VAL B 167 -15.57 6.97 -0.80
N ALA B 168 -16.34 7.18 -1.87
CA ALA B 168 -17.73 7.54 -1.70
C ALA B 168 -18.51 6.43 -1.02
N SER B 169 -18.17 5.18 -1.33
CA SER B 169 -18.96 4.06 -0.80
C SER B 169 -18.61 3.78 0.66
N PHE B 170 -17.32 3.82 1.02
CA PHE B 170 -16.94 3.70 2.42
C PHE B 170 -17.57 4.82 3.24
N GLU B 171 -17.54 6.06 2.72
CA GLU B 171 -18.23 7.14 3.43
C GLU B 171 -19.69 6.78 3.64
N ARG B 172 -20.36 6.27 2.60
CA ARG B 172 -21.73 5.83 2.74
C ARG B 172 -21.87 4.72 3.79
N CYS B 173 -20.94 3.75 3.81
CA CYS B 173 -21.02 2.69 4.83
C CYS B 173 -20.94 3.27 6.24
N LEU B 174 -20.07 4.26 6.45
CA LEU B 174 -19.99 4.92 7.74
C LEU B 174 -21.35 5.52 8.13
N GLU B 175 -21.96 6.28 7.21
CA GLU B 175 -23.25 6.90 7.48
C GLU B 175 -24.29 5.85 7.88
N LEU B 176 -24.21 4.67 7.29
CA LEU B 176 -25.21 3.62 7.50
C LEU B 176 -24.84 2.62 8.59
N GLY B 177 -23.64 2.70 9.17
CA GLY B 177 -23.25 1.70 10.14
C GLY B 177 -23.00 0.34 9.54
N ALA B 178 -22.59 0.31 8.27
CA ALA B 178 -22.38 -0.92 7.51
C ALA B 178 -20.88 -1.21 7.41
N VAL B 179 -20.55 -2.49 7.27
CA VAL B 179 -19.17 -2.94 7.22
C VAL B 179 -18.71 -2.99 5.76
N PRO B 180 -17.70 -2.22 5.36
CA PRO B 180 -17.15 -2.40 4.01
C PRO B 180 -16.27 -3.63 3.95
N THR B 181 -16.41 -4.40 2.88
CA THR B 181 -15.59 -5.58 2.66
C THR B 181 -14.99 -5.45 1.27
N VAL B 182 -13.83 -6.06 1.05
CA VAL B 182 -13.08 -5.76 -0.16
C VAL B 182 -12.41 -7.02 -0.68
N HIS B 183 -12.50 -7.25 -1.99
CA HIS B 183 -11.62 -8.17 -2.71
C HIS B 183 -10.38 -7.37 -3.10
N ALA B 184 -9.26 -7.59 -2.41
CA ALA B 184 -8.09 -6.73 -2.57
C ALA B 184 -7.14 -7.35 -3.60
N GLU B 185 -7.21 -6.87 -4.84
CA GLU B 185 -6.21 -7.12 -5.87
C GLU B 185 -6.14 -5.89 -6.75
N ASN B 186 -4.92 -5.45 -7.10
CA ASN B 186 -4.78 -4.26 -7.92
C ASN B 186 -5.21 -4.57 -9.35
N GLY B 187 -6.35 -4.00 -9.76
CA GLY B 187 -6.95 -4.39 -11.03
C GLY B 187 -6.12 -3.98 -12.23
N GLU B 188 -5.49 -2.80 -12.16
CA GLU B 188 -4.67 -2.33 -13.27
C GLU B 188 -3.48 -3.27 -13.49
N LEU B 189 -2.82 -3.67 -12.41
CA LEU B 189 -1.67 -4.55 -12.58
C LEU B 189 -2.11 -5.92 -13.09
N VAL B 190 -3.18 -6.48 -12.52
CA VAL B 190 -3.67 -7.76 -13.03
C VAL B 190 -3.95 -7.67 -14.52
N PHE B 191 -4.66 -6.61 -14.93
CA PHE B 191 -4.99 -6.44 -16.34
C PHE B 191 -3.74 -6.35 -17.22
N HIS B 192 -2.78 -5.55 -16.79
CA HIS B 192 -1.54 -5.39 -17.53
C HIS B 192 -0.78 -6.71 -17.67
N LEU B 193 -0.65 -7.44 -16.55
CA LEU B 193 0.08 -8.71 -16.58
C LEU B 193 -0.65 -9.75 -17.45
N GLN B 194 -1.98 -9.79 -17.39
CA GLN B 194 -2.71 -10.74 -18.24
C GLN B 194 -2.36 -10.51 -19.71
N GLN B 195 -2.35 -9.24 -20.12
CA GLN B 195 -2.04 -8.91 -21.51
C GLN B 195 -0.60 -9.24 -21.86
N LYS B 196 0.34 -8.94 -20.96
CA LYS B 196 1.74 -9.25 -21.18
C LYS B 196 1.96 -10.75 -21.34
N LEU B 197 1.34 -11.55 -20.46
CA LEU B 197 1.55 -13.00 -20.51
C LEU B 197 0.91 -13.59 -21.77
N LEU B 198 -0.29 -13.11 -22.12
CA LEU B 198 -0.94 -13.61 -23.32
C LEU B 198 -0.13 -13.26 -24.56
N ALA B 199 0.47 -12.06 -24.59
CA ALA B 199 1.26 -11.68 -25.76
C ALA B 199 2.52 -12.53 -25.88
N GLN B 200 3.01 -13.07 -24.77
CA GLN B 200 4.16 -13.97 -24.73
C GLN B 200 3.79 -15.40 -25.14
N GLY B 201 2.51 -15.66 -25.40
CA GLY B 201 2.04 -17.01 -25.68
C GLY B 201 1.88 -17.89 -24.44
N LEU B 202 1.90 -17.30 -23.25
CA LEU B 202 1.65 -18.05 -22.01
C LEU B 202 0.15 -18.03 -21.75
N THR B 203 -0.54 -18.95 -22.40
CA THR B 203 -1.99 -19.00 -22.34
C THR B 203 -2.53 -20.05 -21.36
N GLY B 204 -1.70 -20.88 -20.79
CA GLY B 204 -2.19 -21.97 -19.97
C GLY B 204 -2.49 -21.54 -18.55
N PRO B 205 -3.05 -22.47 -17.78
CA PRO B 205 -3.37 -22.15 -16.38
C PRO B 205 -2.14 -21.78 -15.56
N GLU B 206 -0.95 -22.23 -15.94
CA GLU B 206 0.28 -21.88 -15.25
C GLU B 206 0.55 -20.38 -15.30
N ALA B 207 -0.04 -19.66 -16.26
CA ALA B 207 0.11 -18.21 -16.30
C ALA B 207 -0.83 -17.49 -15.35
N HIS B 208 -1.89 -18.16 -14.86
CA HIS B 208 -2.84 -17.48 -13.98
C HIS B 208 -2.18 -16.90 -12.72
N PRO B 209 -1.44 -17.66 -11.92
CA PRO B 209 -0.80 -17.04 -10.73
C PRO B 209 0.23 -15.99 -11.09
N LEU B 210 0.92 -16.12 -12.23
CA LEU B 210 1.88 -15.12 -12.64
C LEU B 210 1.22 -13.81 -13.00
N SER B 211 -0.05 -13.83 -13.34
CA SER B 211 -0.77 -12.64 -13.75
C SER B 211 -1.23 -11.79 -12.57
N ARG B 212 -1.13 -12.32 -11.33
CA ARG B 212 -1.54 -11.59 -10.14
C ARG B 212 -0.70 -12.05 -8.96
N PRO B 213 0.60 -11.74 -8.98
CA PRO B 213 1.51 -12.18 -7.91
C PRO B 213 1.14 -11.52 -6.60
N PRO B 214 1.72 -11.98 -5.49
CA PRO B 214 1.22 -11.58 -4.15
C PRO B 214 1.27 -10.09 -3.87
N GLN B 215 2.21 -9.35 -4.48
CA GLN B 215 2.28 -7.93 -4.14
C GLN B 215 1.11 -7.15 -4.71
N VAL B 216 0.44 -7.71 -5.72
CA VAL B 216 -0.78 -7.11 -6.26
C VAL B 216 -1.90 -7.13 -5.23
N GLU B 217 -1.97 -8.21 -4.45
CA GLU B 217 -2.90 -8.28 -3.33
C GLU B 217 -2.43 -7.41 -2.15
N GLY B 218 -1.13 -7.44 -1.84
CA GLY B 218 -0.63 -6.59 -0.77
C GLY B 218 -0.89 -5.12 -1.00
N GLU B 219 -0.70 -4.66 -2.25
CA GLU B 219 -0.95 -3.25 -2.56
C GLU B 219 -2.41 -2.88 -2.33
N ALA B 220 -3.32 -3.70 -2.89
CA ALA B 220 -4.73 -3.40 -2.76
C ALA B 220 -5.18 -3.41 -1.29
N ALA B 221 -4.63 -4.35 -0.50
CA ALA B 221 -4.97 -4.37 0.92
C ALA B 221 -4.50 -3.09 1.61
N SER B 222 -3.25 -2.69 1.36
CA SER B 222 -2.75 -1.42 1.88
C SER B 222 -3.69 -0.26 1.52
N ARG B 223 -4.10 -0.19 0.25
CA ARG B 223 -4.92 0.94 -0.20
C ARG B 223 -6.30 0.92 0.46
N ALA B 224 -7.01 -0.22 0.42
CA ALA B 224 -8.31 -0.29 1.07
C ALA B 224 -8.22 0.03 2.56
N ILE B 225 -7.19 -0.52 3.23
CA ILE B 225 -6.98 -0.28 4.65
C ILE B 225 -6.79 1.21 4.93
N ARG B 226 -5.99 1.88 4.10
CA ARG B 226 -5.69 3.28 4.40
C ARG B 226 -6.84 4.19 3.98
N ILE B 227 -7.65 3.76 3.02
CA ILE B 227 -8.90 4.50 2.81
C ILE B 227 -9.81 4.34 4.02
N ALA B 228 -9.96 3.11 4.53
CA ALA B 228 -10.80 2.91 5.69
C ALA B 228 -10.31 3.75 6.88
N GLU B 229 -9.00 3.75 7.12
CA GLU B 229 -8.44 4.53 8.22
C GLU B 229 -8.77 6.01 8.06
N THR B 230 -8.59 6.53 6.85
CA THR B 230 -8.84 7.94 6.60
C THR B 230 -10.31 8.31 6.76
N LEU B 231 -11.22 7.45 6.30
CA LEU B 231 -12.63 7.78 6.39
C LEU B 231 -13.24 7.36 7.73
N GLY B 232 -12.53 6.55 8.50
CA GLY B 232 -12.99 6.16 9.82
C GLY B 232 -13.98 5.02 9.85
N THR B 233 -13.82 4.02 8.98
CA THR B 233 -14.64 2.82 8.96
C THR B 233 -13.84 1.59 9.38
N PRO B 234 -14.52 0.55 9.85
CA PRO B 234 -13.87 -0.76 9.92
C PRO B 234 -13.63 -1.27 8.50
N LEU B 235 -12.98 -2.42 8.36
CA LEU B 235 -12.71 -2.98 7.03
C LEU B 235 -12.56 -4.48 7.15
N TYR B 236 -13.25 -5.22 6.28
CA TYR B 236 -13.16 -6.68 6.21
C TYR B 236 -12.56 -7.07 4.87
N LEU B 237 -11.42 -7.74 4.88
CA LEU B 237 -10.73 -8.16 3.67
C LEU B 237 -10.99 -9.64 3.43
N VAL B 238 -11.65 -9.95 2.30
CA VAL B 238 -11.98 -11.34 1.97
C VAL B 238 -10.74 -12.08 1.48
N HIS B 239 -10.81 -13.42 1.54
CA HIS B 239 -9.77 -14.38 1.15
C HIS B 239 -8.35 -13.83 1.06
N ILE B 240 -7.74 -13.54 2.22
CA ILE B 240 -6.33 -13.19 2.27
C ILE B 240 -5.49 -14.40 1.91
N SER B 241 -4.55 -14.23 0.97
CA SER B 241 -3.75 -15.36 0.52
C SER B 241 -2.25 -15.17 0.68
N SER B 242 -1.79 -13.98 1.03
CA SER B 242 -0.39 -13.60 0.89
C SER B 242 0.16 -13.02 2.18
N ARG B 243 1.45 -13.32 2.42
CA ARG B 243 2.18 -12.66 3.48
C ARG B 243 2.08 -11.13 3.36
N GLU B 244 2.15 -10.61 2.13
CA GLU B 244 2.11 -9.17 1.91
C GLU B 244 0.83 -8.55 2.48
N ALA B 245 -0.32 -9.10 2.11
CA ALA B 245 -1.58 -8.56 2.59
C ALA B 245 -1.76 -8.79 4.08
N LEU B 246 -1.43 -9.99 4.55
CA LEU B 246 -1.46 -10.26 5.99
C LEU B 246 -0.65 -9.20 6.75
N ASP B 247 0.56 -8.92 6.27
CA ASP B 247 1.41 -7.94 6.95
C ASP B 247 0.77 -6.56 7.00
N GLU B 248 0.01 -6.18 5.95
CA GLU B 248 -0.65 -4.89 6.00
C GLU B 248 -1.75 -4.90 7.06
N ILE B 249 -2.45 -6.03 7.21
CA ILE B 249 -3.48 -6.13 8.23
C ILE B 249 -2.87 -6.04 9.62
N ALA B 250 -1.80 -6.77 9.86
CA ALA B 250 -1.16 -6.70 11.19
C ALA B 250 -0.68 -5.28 11.48
N TYR B 251 -0.10 -4.62 10.48
CA TYR B 251 0.34 -3.24 10.62
C TYR B 251 -0.81 -2.34 11.07
N ALA B 252 -1.95 -2.42 10.38
CA ALA B 252 -3.09 -1.58 10.74
C ALA B 252 -3.65 -1.94 12.13
N ARG B 253 -3.78 -3.22 12.44
CA ARG B 253 -4.29 -3.66 13.76
C ARG B 253 -3.32 -3.17 14.84
N ALA B 254 -2.04 -3.02 14.49
CA ALA B 254 -0.97 -2.55 15.41
C ALA B 254 -0.96 -1.03 15.55
N LYS B 255 -1.80 -0.36 14.79
CA LYS B 255 -2.00 1.09 14.84
C LYS B 255 -3.36 1.32 15.51
N GLY B 256 -4.05 0.26 15.95
CA GLY B 256 -5.33 0.53 16.55
C GLY B 256 -6.53 0.43 15.64
N GLN B 257 -6.33 0.04 14.39
CA GLN B 257 -7.40 0.16 13.41
C GLN B 257 -8.17 -1.15 13.34
N PRO B 258 -9.52 -1.11 13.25
CA PRO B 258 -10.32 -2.34 13.16
C PRO B 258 -10.37 -2.94 11.76
N VAL B 259 -9.40 -3.79 11.47
CA VAL B 259 -9.31 -4.46 10.18
C VAL B 259 -9.41 -5.95 10.45
N TYR B 260 -10.24 -6.65 9.67
CA TYR B 260 -10.42 -8.09 9.81
C TYR B 260 -9.97 -8.79 8.52
N GLY B 261 -9.44 -9.99 8.67
CA GLY B 261 -9.02 -10.80 7.54
C GLY B 261 -9.69 -12.16 7.52
N GLU B 262 -10.17 -12.56 6.34
CA GLU B 262 -10.79 -13.85 6.09
C GLU B 262 -9.82 -14.72 5.30
N VAL B 263 -9.81 -16.03 5.57
CA VAL B 263 -8.91 -16.95 4.86
C VAL B 263 -9.67 -18.21 4.46
N LEU B 264 -9.25 -18.81 3.35
CA LEU B 264 -9.81 -20.06 2.85
C LEU B 264 -8.85 -21.21 3.15
N ALA B 265 -9.41 -22.40 3.37
CA ALA B 265 -8.60 -23.60 3.58
C ALA B 265 -7.63 -23.81 2.41
N GLY B 266 -8.08 -23.56 1.18
CA GLY B 266 -7.19 -23.73 0.05
C GLY B 266 -5.90 -22.93 0.19
N HIS B 267 -6.00 -21.70 0.68
CA HIS B 267 -4.81 -20.88 0.78
C HIS B 267 -3.97 -21.20 2.00
N LEU B 268 -4.53 -21.93 2.97
CA LEU B 268 -3.75 -22.43 4.08
C LEU B 268 -2.95 -23.68 3.73
N LEU B 269 -3.42 -24.47 2.76
CA LEU B 269 -2.93 -25.84 2.59
C LEU B 269 -2.37 -26.16 1.20
N LEU B 270 -2.58 -25.30 0.21
CA LEU B 270 -2.13 -25.57 -1.15
C LEU B 270 -1.11 -24.52 -1.57
N ASP B 271 -0.23 -24.89 -2.50
CA ASP B 271 0.72 -23.94 -3.06
C ASP B 271 0.55 -23.89 -4.57
N ASP B 272 1.27 -22.97 -5.19
CA ASP B 272 1.02 -22.66 -6.58
C ASP B 272 1.54 -23.73 -7.55
N SER B 273 2.20 -24.80 -7.06
CA SER B 273 2.58 -25.88 -7.95
C SER B 273 1.37 -26.56 -8.57
N VAL B 274 0.18 -26.43 -7.98
CA VAL B 274 -1.01 -27.05 -8.56
C VAL B 274 -1.27 -26.55 -9.98
N TYR B 275 -0.82 -25.34 -10.31
CA TYR B 275 -1.08 -24.79 -11.64
C TYR B 275 -0.17 -25.34 -12.74
N ARG B 276 0.88 -26.08 -12.39
CA ARG B 276 1.79 -26.63 -13.37
C ARG B 276 1.48 -28.09 -13.68
N HIS B 277 0.34 -28.58 -13.26
CA HIS B 277 -0.02 -29.96 -13.54
C HIS B 277 -0.08 -30.18 -15.05
N PRO B 278 0.46 -31.30 -15.55
CA PRO B 278 0.51 -31.51 -17.01
C PRO B 278 -0.86 -31.66 -17.65
N ASP B 279 -1.86 -32.06 -16.88
CA ASP B 279 -3.23 -32.20 -17.37
C ASP B 279 -3.93 -30.85 -17.26
N TRP B 280 -4.33 -30.29 -18.40
CA TRP B 280 -4.91 -28.95 -18.43
C TRP B 280 -6.12 -28.84 -17.50
N ALA B 281 -7.03 -29.81 -17.59
CA ALA B 281 -8.26 -29.74 -16.80
C ALA B 281 -7.95 -29.73 -15.31
N THR B 282 -6.96 -30.53 -14.89
CA THR B 282 -6.58 -30.57 -13.49
C THR B 282 -6.06 -29.20 -13.03
N ALA B 283 -5.12 -28.62 -13.79
CA ALA B 283 -4.60 -27.32 -13.40
C ALA B 283 -5.69 -26.25 -13.41
N ALA B 284 -6.61 -26.33 -14.38
CA ALA B 284 -7.69 -25.33 -14.48
C ALA B 284 -8.65 -25.42 -13.29
N GLY B 285 -8.80 -26.61 -12.71
CA GLY B 285 -9.65 -26.77 -11.53
C GLY B 285 -9.23 -25.92 -10.33
N TYR B 286 -7.96 -25.51 -10.28
CA TYR B 286 -7.45 -24.67 -9.21
C TYR B 286 -7.54 -23.17 -9.50
N VAL B 287 -7.98 -22.79 -10.70
CA VAL B 287 -7.97 -21.38 -11.08
C VAL B 287 -9.05 -20.66 -10.28
N MET B 288 -8.61 -19.77 -9.37
CA MET B 288 -9.48 -18.83 -8.67
C MET B 288 -8.61 -17.60 -8.40
N SER B 289 -9.25 -16.50 -7.99
CA SER B 289 -8.56 -15.28 -7.62
C SER B 289 -8.91 -14.86 -6.20
N PRO B 290 -7.92 -14.61 -5.32
CA PRO B 290 -6.48 -14.75 -5.56
C PRO B 290 -6.05 -16.21 -5.76
N PRO B 291 -4.99 -16.44 -6.52
CA PRO B 291 -4.55 -17.82 -6.80
C PRO B 291 -3.80 -18.41 -5.62
N PHE B 292 -3.61 -19.73 -5.66
CA PHE B 292 -2.75 -20.37 -4.68
C PHE B 292 -1.31 -19.91 -4.89
N ARG B 293 -0.54 -19.87 -3.79
CA ARG B 293 0.70 -19.13 -3.68
C ARG B 293 1.88 -20.04 -3.34
N PRO B 294 3.12 -19.56 -3.50
CA PRO B 294 4.28 -20.32 -3.01
C PRO B 294 4.19 -20.61 -1.51
N VAL B 295 4.92 -21.65 -1.08
CA VAL B 295 4.67 -22.26 0.22
C VAL B 295 4.86 -21.27 1.37
N GLU B 296 5.80 -20.34 1.24
CA GLU B 296 6.06 -19.48 2.39
C GLU B 296 4.83 -18.70 2.81
N HIS B 297 3.87 -18.49 1.89
CA HIS B 297 2.65 -17.76 2.28
C HIS B 297 1.73 -18.62 3.16
N GLN B 298 1.67 -19.93 2.90
CA GLN B 298 0.84 -20.79 3.74
C GLN B 298 1.28 -20.67 5.20
N GLU B 299 2.57 -20.78 5.44
CA GLU B 299 3.10 -20.70 6.81
C GLU B 299 2.70 -19.36 7.42
N ALA B 300 2.81 -18.28 6.66
CA ALA B 300 2.52 -16.96 7.20
C ALA B 300 1.03 -16.85 7.59
N LEU B 301 0.15 -17.43 6.78
CA LEU B 301 -1.28 -17.36 7.08
C LEU B 301 -1.65 -18.12 8.36
N TRP B 302 -1.04 -19.29 8.56
CA TRP B 302 -1.27 -20.05 9.82
C TRP B 302 -0.86 -19.16 11.00
N ARG B 303 0.23 -18.45 10.80
CA ARG B 303 0.76 -17.53 11.82
C ARG B 303 -0.25 -16.43 12.10
N GLY B 304 -0.87 -15.89 11.07
CA GLY B 304 -1.89 -14.86 11.27
C GLY B 304 -3.03 -15.41 12.11
N LEU B 305 -3.52 -16.58 11.75
CA LEU B 305 -4.60 -17.17 12.55
C LEU B 305 -4.19 -17.33 14.02
N GLN B 306 -2.96 -17.79 14.27
CA GLN B 306 -2.51 -18.02 15.64
C GLN B 306 -2.25 -16.72 16.39
N SER B 307 -1.90 -15.64 15.69
CA SER B 307 -1.57 -14.40 16.35
C SER B 307 -2.74 -13.42 16.39
N GLY B 308 -3.88 -13.82 15.83
CA GLY B 308 -5.06 -12.98 15.85
C GLY B 308 -5.07 -11.86 14.82
N ASN B 309 -4.33 -12.00 13.72
CA ASN B 309 -4.37 -11.01 12.64
C ASN B 309 -5.15 -11.50 11.43
N LEU B 310 -5.59 -12.76 11.45
CA LEU B 310 -6.64 -13.28 10.57
C LEU B 310 -7.74 -13.82 11.47
N HIS B 311 -8.99 -13.62 11.08
CA HIS B 311 -10.10 -13.70 12.03
C HIS B 311 -11.20 -14.68 11.66
N THR B 312 -11.41 -14.97 10.40
CA THR B 312 -12.51 -15.82 9.98
C THR B 312 -12.02 -16.75 8.89
N THR B 313 -12.76 -17.84 8.69
CA THR B 313 -12.54 -18.71 7.55
C THR B 313 -13.80 -18.76 6.69
N ALA B 314 -13.61 -19.00 5.39
CA ALA B 314 -14.69 -19.02 4.43
C ALA B 314 -14.24 -19.93 3.29
N THR B 315 -15.06 -20.01 2.23
CA THR B 315 -14.72 -20.89 1.11
C THR B 315 -14.64 -20.20 -0.25
N ASP B 316 -15.28 -19.05 -0.45
CA ASP B 316 -15.40 -18.49 -1.80
C ASP B 316 -16.00 -19.56 -2.72
N HIS B 317 -16.98 -20.29 -2.18
CA HIS B 317 -17.62 -21.41 -2.86
C HIS B 317 -18.19 -20.97 -4.20
N CYS B 318 -17.55 -21.38 -5.30
CA CYS B 318 -17.83 -20.82 -6.63
C CYS B 318 -17.51 -21.91 -7.66
N CYS B 319 -18.50 -22.74 -7.97
CA CYS B 319 -18.28 -24.01 -8.64
C CYS B 319 -18.42 -23.91 -10.15
N PHE B 320 -17.42 -24.44 -10.88
CA PHE B 320 -17.52 -24.61 -12.32
C PHE B 320 -16.95 -25.96 -12.71
N CYS B 321 -17.72 -26.73 -13.48
CA CYS B 321 -17.32 -28.05 -13.93
C CYS B 321 -16.30 -27.94 -15.08
N ALA B 322 -15.83 -29.11 -15.52
CA ALA B 322 -14.74 -29.15 -16.49
C ALA B 322 -15.08 -28.40 -17.77
N GLU B 323 -16.30 -28.58 -18.29
CA GLU B 323 -16.68 -27.97 -19.55
C GLU B 323 -16.77 -26.46 -19.43
N GLN B 324 -17.14 -25.96 -18.25
CA GLN B 324 -17.15 -24.52 -18.02
C GLN B 324 -15.73 -23.99 -17.89
N LYS B 325 -14.90 -24.63 -17.07
CA LYS B 325 -13.49 -24.27 -17.00
C LYS B 325 -12.86 -24.20 -18.40
N ALA B 326 -13.21 -25.16 -19.27
CA ALA B 326 -12.59 -25.24 -20.59
C ALA B 326 -12.98 -24.09 -21.51
N MET B 327 -13.90 -23.24 -21.12
CA MET B 327 -14.08 -21.97 -21.84
C MET B 327 -12.78 -21.17 -21.95
N GLY B 328 -11.81 -21.41 -21.08
CA GLY B 328 -10.53 -20.72 -21.19
C GLY B 328 -9.40 -21.62 -21.67
N ARG B 329 -9.74 -22.66 -22.44
CA ARG B 329 -8.73 -23.63 -22.88
C ARG B 329 -7.59 -22.99 -23.66
N ASP B 330 -7.83 -21.91 -24.39
CA ASP B 330 -6.78 -21.22 -25.14
C ASP B 330 -6.42 -19.86 -24.53
N ASP B 331 -6.98 -19.52 -23.36
CA ASP B 331 -6.84 -18.18 -22.79
C ASP B 331 -7.17 -18.29 -21.30
N PHE B 332 -6.14 -18.36 -20.46
CA PHE B 332 -6.37 -18.58 -19.04
C PHE B 332 -7.23 -17.48 -18.45
N SER B 333 -7.19 -16.26 -19.01
CA SER B 333 -8.00 -15.17 -18.47
C SER B 333 -9.48 -15.36 -18.74
N LYS B 334 -9.85 -16.36 -19.55
CA LYS B 334 -11.24 -16.69 -19.79
C LYS B 334 -11.71 -17.91 -19.03
N ILE B 335 -10.85 -18.52 -18.21
CA ILE B 335 -11.23 -19.64 -17.34
C ILE B 335 -12.12 -19.09 -16.23
N PRO B 336 -13.39 -19.54 -16.10
CA PRO B 336 -14.21 -19.11 -14.95
C PRO B 336 -13.50 -19.40 -13.64
N ASN B 337 -13.29 -18.35 -12.86
CA ASN B 337 -12.52 -18.42 -11.62
C ASN B 337 -13.41 -18.89 -10.47
N GLY B 338 -12.94 -19.90 -9.74
CA GLY B 338 -13.62 -20.35 -8.54
C GLY B 338 -13.29 -21.79 -8.20
N THR B 339 -13.34 -22.13 -6.92
CA THR B 339 -13.19 -23.49 -6.47
C THR B 339 -14.29 -23.79 -5.47
N ALA B 340 -14.54 -25.08 -5.26
CA ALA B 340 -15.53 -25.51 -4.27
C ALA B 340 -14.90 -25.66 -2.91
N GLY B 341 -15.68 -25.41 -1.85
CA GLY B 341 -15.18 -25.69 -0.52
C GLY B 341 -16.16 -25.76 0.65
N ILE B 342 -17.43 -25.42 0.46
CA ILE B 342 -18.34 -25.25 1.61
C ILE B 342 -18.44 -26.55 2.42
N GLU B 343 -18.46 -27.70 1.75
CA GLU B 343 -18.61 -28.97 2.46
C GLU B 343 -17.36 -29.34 3.24
N ASP B 344 -16.21 -28.81 2.85
CA ASP B 344 -14.92 -29.31 3.29
C ASP B 344 -14.24 -28.43 4.34
N ARG B 345 -14.65 -27.17 4.48
CA ARG B 345 -13.92 -26.19 5.30
C ARG B 345 -13.65 -26.68 6.72
N MET B 346 -14.69 -27.06 7.47
CA MET B 346 -14.40 -27.31 8.89
C MET B 346 -13.54 -28.56 9.10
N ALA B 347 -13.74 -29.63 8.31
CA ALA B 347 -12.90 -30.80 8.48
C ALA B 347 -11.46 -30.51 8.07
N LEU B 348 -11.26 -29.73 7.01
CA LEU B 348 -9.90 -29.37 6.62
C LEU B 348 -9.21 -28.59 7.72
N LEU B 349 -9.94 -27.66 8.34
CA LEU B 349 -9.34 -26.83 9.38
C LEU B 349 -9.12 -27.62 10.66
N TRP B 350 -10.10 -28.45 11.05
CA TRP B 350 -9.93 -29.27 12.24
C TRP B 350 -8.74 -30.19 12.08
N ASP B 351 -8.65 -30.88 10.94
CA ASP B 351 -7.61 -31.87 10.75
C ASP B 351 -6.23 -31.22 10.65
N ALA B 352 -6.14 -30.08 9.95
CA ALA B 352 -4.84 -29.42 9.78
C ALA B 352 -4.46 -28.57 11.00
N GLY B 353 -5.46 -27.93 11.64
CA GLY B 353 -5.22 -27.00 12.73
C GLY B 353 -5.29 -27.61 14.13
N VAL B 354 -6.36 -28.36 14.43
CA VAL B 354 -6.52 -28.88 15.78
C VAL B 354 -5.63 -30.10 16.00
N ASN B 355 -5.69 -31.10 15.11
CA ASN B 355 -4.90 -32.32 15.31
C ASN B 355 -3.40 -32.02 15.40
N SER B 356 -2.95 -30.94 14.74
CA SER B 356 -1.54 -30.55 14.72
C SER B 356 -1.11 -29.83 15.99
N GLY B 357 -2.07 -29.28 16.74
CA GLY B 357 -1.75 -28.38 17.81
C GLY B 357 -1.48 -26.95 17.40
N ARG B 358 -1.63 -26.62 16.11
CA ARG B 358 -1.52 -25.23 15.68
C ARG B 358 -2.61 -24.38 16.33
N LEU B 359 -3.82 -24.94 16.45
CA LEU B 359 -4.98 -24.24 16.96
C LEU B 359 -5.59 -25.05 18.09
N SER B 360 -6.14 -24.36 19.09
CA SER B 360 -7.00 -25.03 20.06
C SER B 360 -8.39 -25.29 19.46
N MET B 361 -9.16 -26.16 20.11
CA MET B 361 -10.53 -26.31 19.65
C MET B 361 -11.35 -25.04 19.82
N HIS B 362 -10.99 -24.18 20.78
CA HIS B 362 -11.73 -22.94 20.99
C HIS B 362 -11.46 -21.95 19.86
N GLU B 363 -10.22 -21.87 19.41
CA GLU B 363 -9.88 -21.07 18.23
C GLU B 363 -10.59 -21.60 16.99
N PHE B 364 -10.66 -22.93 16.86
CA PHE B 364 -11.41 -23.54 15.77
C PHE B 364 -12.85 -23.01 15.73
N VAL B 365 -13.55 -23.01 16.87
CA VAL B 365 -14.91 -22.49 16.89
C VAL B 365 -14.91 -21.00 16.55
N ALA B 366 -14.01 -20.23 17.18
CA ALA B 366 -13.93 -18.81 16.86
C ALA B 366 -13.74 -18.59 15.36
N LEU B 367 -12.85 -19.38 14.74
CA LEU B 367 -12.54 -19.15 13.33
C LEU B 367 -13.57 -19.72 12.38
N THR B 368 -14.44 -20.65 12.83
CA THR B 368 -15.46 -21.17 11.91
C THR B 368 -16.85 -20.59 12.13
N SER B 369 -17.14 -19.96 13.28
CA SER B 369 -18.42 -19.27 13.41
C SER B 369 -18.38 -17.98 14.23
N THR B 370 -17.84 -18.02 15.44
CA THR B 370 -18.07 -16.91 16.37
C THR B 370 -17.52 -15.58 15.87
N ASN B 371 -16.31 -15.57 15.31
CA ASN B 371 -15.73 -14.31 14.84
C ASN B 371 -16.57 -13.72 13.71
N THR B 372 -16.93 -14.55 12.74
CA THR B 372 -17.82 -14.08 11.69
C THR B 372 -19.12 -13.52 12.27
N ALA B 373 -19.74 -14.25 13.21
CA ALA B 373 -20.96 -13.74 13.82
C ALA B 373 -20.74 -12.37 14.45
N LYS B 374 -19.64 -12.21 15.19
CA LYS B 374 -19.37 -10.94 15.87
C LYS B 374 -19.15 -9.82 14.86
N ILE B 375 -18.33 -10.06 13.84
CA ILE B 375 -17.97 -9.01 12.89
C ILE B 375 -19.20 -8.47 12.18
N PHE B 376 -20.13 -9.34 11.75
CA PHE B 376 -21.28 -8.92 10.97
C PHE B 376 -22.54 -8.75 11.84
N ASN B 377 -22.35 -8.66 13.14
CA ASN B 377 -23.41 -8.28 14.07
C ASN B 377 -24.50 -9.35 14.18
N LEU B 378 -24.08 -10.62 14.13
CA LEU B 378 -24.96 -11.77 14.31
C LEU B 378 -24.70 -12.51 15.63
N PHE B 379 -23.81 -12.02 16.48
CA PHE B 379 -23.53 -12.65 17.76
C PHE B 379 -24.40 -12.00 18.85
N PRO B 380 -25.04 -12.79 19.76
CA PRO B 380 -24.94 -14.24 19.91
C PRO B 380 -26.11 -15.03 19.30
N ARG B 381 -26.86 -14.43 18.38
CA ARG B 381 -27.90 -15.19 17.69
C ARG B 381 -27.30 -16.42 17.01
N LYS B 382 -26.09 -16.28 16.43
CA LYS B 382 -25.34 -17.34 15.77
C LYS B 382 -23.96 -17.45 16.41
N GLY B 383 -23.28 -18.58 16.16
CA GLY B 383 -21.95 -18.79 16.70
C GLY B 383 -21.86 -18.91 18.21
N ALA B 384 -23.00 -19.16 18.88
CA ALA B 384 -23.03 -19.21 20.35
C ALA B 384 -23.92 -20.35 20.83
N ILE B 385 -23.45 -21.08 21.84
CA ILE B 385 -24.25 -22.13 22.49
C ILE B 385 -24.77 -21.50 23.78
N ARG B 386 -25.96 -20.91 23.70
CA ARG B 386 -26.58 -20.30 24.85
C ARG B 386 -28.09 -20.31 24.67
N VAL B 387 -28.81 -20.30 25.79
CA VAL B 387 -30.26 -20.30 25.76
C VAL B 387 -30.74 -19.09 24.96
N GLY B 388 -31.63 -19.33 24.00
CA GLY B 388 -32.18 -18.28 23.17
C GLY B 388 -31.50 -18.11 21.83
N ALA B 389 -30.32 -18.69 21.65
CA ALA B 389 -29.57 -18.61 20.40
C ALA B 389 -30.19 -19.53 19.36
N ASP B 390 -29.97 -19.21 18.08
CA ASP B 390 -30.42 -20.11 17.03
C ASP B 390 -29.80 -21.48 17.21
N ALA B 391 -30.63 -22.52 17.02
CA ALA B 391 -30.17 -23.89 17.24
C ALA B 391 -29.41 -24.44 16.03
N ASP B 392 -28.27 -23.78 15.71
CA ASP B 392 -27.37 -24.21 14.65
C ASP B 392 -26.14 -24.84 15.30
N LEU B 393 -25.98 -26.16 15.14
CA LEU B 393 -24.95 -26.88 15.88
C LEU B 393 -24.34 -27.97 15.01
N VAL B 394 -23.15 -28.40 15.41
CA VAL B 394 -22.52 -29.53 14.75
C VAL B 394 -21.95 -30.45 15.82
N LEU B 395 -22.27 -31.75 15.72
CA LEU B 395 -21.68 -32.76 16.56
C LEU B 395 -20.46 -33.34 15.83
N TRP B 396 -19.32 -33.36 16.51
CA TRP B 396 -18.02 -33.61 15.88
C TRP B 396 -17.38 -34.85 16.47
N ASP B 397 -16.99 -35.79 15.60
CA ASP B 397 -16.35 -37.03 16.01
C ASP B 397 -14.86 -36.90 15.84
N PRO B 398 -14.09 -36.72 16.91
CA PRO B 398 -12.65 -36.51 16.75
C PRO B 398 -11.91 -37.71 16.19
N GLN B 399 -12.52 -38.90 16.21
CA GLN B 399 -11.85 -40.09 15.72
C GLN B 399 -12.40 -40.56 14.38
N GLY B 400 -13.43 -39.91 13.85
CA GLY B 400 -13.92 -40.25 12.53
C GLY B 400 -12.98 -39.79 11.42
N SER B 401 -13.13 -40.39 10.25
CA SER B 401 -12.29 -40.02 9.12
C SER B 401 -13.14 -39.93 7.86
N ARG B 402 -12.59 -39.23 6.87
CA ARG B 402 -13.28 -38.98 5.62
C ARG B 402 -12.21 -38.73 4.57
N THR B 403 -12.42 -39.25 3.37
CA THR B 403 -11.55 -38.95 2.25
C THR B 403 -12.31 -38.03 1.31
N LEU B 404 -11.75 -36.87 1.03
CA LEU B 404 -12.38 -35.90 0.15
C LEU B 404 -12.22 -36.35 -1.30
N SER B 405 -13.31 -36.27 -2.06
CA SER B 405 -13.25 -36.70 -3.45
C SER B 405 -14.45 -36.14 -4.21
N ALA B 406 -14.20 -35.66 -5.42
CA ALA B 406 -15.31 -35.22 -6.27
C ALA B 406 -16.28 -36.37 -6.53
N ALA B 407 -15.80 -37.62 -6.48
CA ALA B 407 -16.68 -38.76 -6.72
C ALA B 407 -17.68 -38.98 -5.57
N THR B 408 -17.37 -38.51 -4.36
CA THR B 408 -18.25 -38.74 -3.21
C THR B 408 -18.82 -37.48 -2.57
N HIS B 409 -18.26 -36.29 -2.83
CA HIS B 409 -18.75 -35.15 -2.07
C HIS B 409 -20.16 -34.77 -2.53
N HIS B 410 -20.81 -33.92 -1.75
CA HIS B 410 -22.16 -33.48 -2.08
C HIS B 410 -22.18 -32.18 -2.88
N GLN B 411 -21.03 -31.58 -3.08
CA GLN B 411 -20.93 -30.35 -3.85
C GLN B 411 -21.17 -30.65 -5.33
N ARG B 412 -22.09 -29.90 -5.93
CA ARG B 412 -22.52 -30.11 -7.33
C ARG B 412 -21.43 -29.60 -8.29
N VAL B 413 -20.32 -30.32 -8.32
CA VAL B 413 -19.14 -29.91 -9.08
C VAL B 413 -18.29 -31.16 -9.26
N ASP B 414 -17.55 -31.23 -10.36
CA ASP B 414 -16.80 -32.42 -10.74
C ASP B 414 -15.31 -32.33 -10.39
N PHE B 415 -14.92 -31.43 -9.49
CA PHE B 415 -13.52 -31.27 -9.08
C PHE B 415 -13.46 -30.92 -7.61
N ASN B 416 -12.47 -31.47 -6.91
CA ASN B 416 -12.19 -31.13 -5.52
C ASN B 416 -10.71 -30.77 -5.38
N ILE B 417 -10.41 -29.56 -4.90
CA ILE B 417 -9.02 -29.14 -4.82
C ILE B 417 -8.22 -29.92 -3.79
N PHE B 418 -8.88 -30.75 -2.97
CA PHE B 418 -8.20 -31.65 -2.04
C PHE B 418 -8.51 -33.11 -2.35
N GLU B 419 -8.77 -33.42 -3.62
CA GLU B 419 -9.00 -34.80 -4.07
C GLU B 419 -8.02 -35.78 -3.42
N GLY B 420 -8.56 -36.81 -2.76
CA GLY B 420 -7.73 -37.84 -2.15
C GLY B 420 -7.21 -37.54 -0.77
N ARG B 421 -7.56 -36.40 -0.18
CA ARG B 421 -7.03 -36.07 1.13
C ARG B 421 -7.90 -36.72 2.20
N THR B 422 -7.26 -37.46 3.11
CA THR B 422 -7.98 -38.06 4.23
C THR B 422 -7.78 -37.20 5.48
N VAL B 423 -8.90 -36.88 6.14
CA VAL B 423 -8.89 -36.05 7.34
C VAL B 423 -9.36 -36.89 8.51
N ARG B 424 -8.91 -36.54 9.71
CA ARG B 424 -9.37 -37.22 10.93
C ARG B 424 -10.06 -36.19 11.81
N GLY B 425 -11.32 -36.44 12.14
CA GLY B 425 -12.19 -35.48 12.79
C GLY B 425 -13.22 -34.97 11.82
N ILE B 426 -14.48 -35.36 11.99
CA ILE B 426 -15.50 -35.08 10.98
C ILE B 426 -16.79 -34.70 11.68
N PRO B 427 -17.69 -34.01 10.97
CA PRO B 427 -19.04 -33.75 11.48
C PRO B 427 -19.87 -35.01 11.35
N SER B 428 -20.24 -35.61 12.49
CA SER B 428 -21.12 -36.77 12.46
C SER B 428 -22.58 -36.37 12.32
N HIS B 429 -22.95 -35.20 12.84
CA HIS B 429 -24.33 -34.70 12.79
C HIS B 429 -24.31 -33.19 12.64
N THR B 430 -25.27 -32.67 11.89
CA THR B 430 -25.42 -31.23 11.73
C THR B 430 -26.88 -30.87 11.98
N ILE B 431 -27.07 -29.87 12.82
CA ILE B 431 -28.38 -29.43 13.25
C ILE B 431 -28.56 -27.98 12.84
N SER B 432 -29.66 -27.70 12.18
CA SER B 432 -29.95 -26.37 11.66
C SER B 432 -31.38 -26.02 12.05
N GLN B 433 -31.57 -24.84 12.63
CA GLN B 433 -32.88 -24.44 13.10
C GLN B 433 -33.47 -25.49 14.03
N GLY B 434 -32.62 -26.21 14.76
CA GLY B 434 -33.10 -27.24 15.66
C GLY B 434 -33.49 -28.55 15.00
N LYS B 435 -33.24 -28.72 13.72
CA LYS B 435 -33.57 -29.96 13.01
C LYS B 435 -32.29 -30.71 12.63
N LEU B 436 -32.34 -32.03 12.77
CA LEU B 436 -31.24 -32.90 12.33
C LEU B 436 -31.26 -33.02 10.82
N LEU B 437 -30.32 -32.36 10.14
CA LEU B 437 -30.29 -32.39 8.69
C LEU B 437 -29.14 -33.19 8.12
N TRP B 438 -28.15 -33.54 8.94
CA TRP B 438 -27.05 -34.41 8.54
C TRP B 438 -26.82 -35.42 9.65
N ALA B 439 -26.82 -36.72 9.30
CA ALA B 439 -26.70 -37.79 10.27
C ALA B 439 -26.02 -38.99 9.62
N ALA B 440 -24.81 -39.33 10.10
CA ALA B 440 -24.15 -40.60 9.81
C ALA B 440 -24.17 -40.97 8.33
N GLY B 441 -23.87 -39.99 7.48
CA GLY B 441 -23.81 -40.21 6.05
C GLY B 441 -25.07 -39.90 5.29
N ASP B 442 -26.13 -39.46 5.96
CA ASP B 442 -27.43 -39.23 5.34
C ASP B 442 -27.79 -37.75 5.43
N LEU B 443 -27.90 -37.11 4.27
CA LEU B 443 -28.25 -35.70 4.19
C LEU B 443 -29.77 -35.58 4.10
N ARG B 444 -30.37 -34.79 4.98
CA ARG B 444 -31.81 -34.62 5.02
C ARG B 444 -32.23 -33.20 4.66
N ALA B 445 -31.47 -32.54 3.81
CA ALA B 445 -31.77 -31.15 3.48
C ALA B 445 -32.98 -31.08 2.57
N GLU B 446 -33.76 -30.01 2.73
CA GLU B 446 -34.98 -29.83 1.95
C GLU B 446 -34.99 -28.45 1.29
N PRO B 447 -35.31 -28.37 -0.01
CA PRO B 447 -35.42 -27.06 -0.67
C PRO B 447 -36.44 -26.19 0.05
N GLY B 448 -36.06 -24.92 0.26
CA GLY B 448 -36.94 -23.95 0.86
C GLY B 448 -36.92 -23.87 2.38
N ALA B 449 -36.16 -24.72 3.06
CA ALA B 449 -36.23 -24.76 4.52
C ALA B 449 -35.54 -23.56 5.16
N GLY B 450 -34.47 -23.04 4.55
CA GLY B 450 -33.70 -21.99 5.17
C GLY B 450 -34.42 -20.66 5.18
N ARG B 451 -34.03 -19.81 6.14
CA ARG B 451 -34.60 -18.48 6.28
C ARG B 451 -33.61 -17.43 5.79
N TYR B 452 -34.13 -16.33 5.27
CA TYR B 452 -33.29 -15.17 5.02
C TYR B 452 -32.94 -14.54 6.35
N VAL B 453 -31.64 -14.30 6.57
CA VAL B 453 -31.13 -13.81 7.84
C VAL B 453 -30.74 -12.34 7.69
N GLU B 454 -31.41 -11.48 8.46
CA GLU B 454 -31.13 -10.06 8.47
C GLU B 454 -30.05 -9.77 9.50
N ARG B 455 -29.19 -8.80 9.19
CA ARG B 455 -28.09 -8.42 10.07
C ARG B 455 -28.23 -6.96 10.45
N PRO B 456 -28.37 -6.63 11.73
CA PRO B 456 -28.54 -5.22 12.12
C PRO B 456 -27.28 -4.40 11.89
N ALA B 457 -27.49 -3.14 11.54
CA ALA B 457 -26.41 -2.20 11.31
C ALA B 457 -25.75 -1.80 12.64
N TYR B 458 -24.64 -1.06 12.53
CA TYR B 458 -23.93 -0.52 13.68
C TYR B 458 -23.44 -1.60 14.64
N PRO B 459 -22.61 -2.53 14.19
CA PRO B 459 -21.90 -3.40 15.14
C PRO B 459 -21.10 -2.57 16.15
N SER B 460 -20.69 -3.24 17.24
CA SER B 460 -20.05 -2.57 18.38
C SER B 460 -18.93 -1.61 17.98
N VAL B 461 -18.17 -1.95 16.93
CA VAL B 461 -16.96 -1.18 16.61
C VAL B 461 -17.31 0.27 16.31
N TYR B 462 -18.53 0.55 15.87
CA TYR B 462 -18.88 1.92 15.50
C TYR B 462 -19.03 2.82 16.74
N GLU B 463 -19.35 2.24 17.90
CA GLU B 463 -19.32 3.02 19.13
C GLU B 463 -17.91 3.50 19.44
N VAL B 464 -16.94 2.59 19.40
CA VAL B 464 -15.55 2.97 19.58
C VAL B 464 -15.14 4.02 18.55
N LEU B 465 -15.46 3.76 17.28
CA LEU B 465 -15.08 4.70 16.22
C LEU B 465 -15.72 6.06 16.43
N GLY B 466 -16.95 6.10 16.93
CA GLY B 466 -17.61 7.37 17.14
C GLY B 466 -16.95 8.20 18.24
N ARG B 467 -16.50 7.54 19.31
CA ARG B 467 -15.77 8.26 20.35
C ARG B 467 -14.42 8.76 19.84
N ARG B 468 -13.78 8.00 18.96
CA ARG B 468 -12.53 8.45 18.37
C ARG B 468 -12.75 9.72 17.56
N ALA B 469 -13.79 9.72 16.73
CA ALA B 469 -14.04 10.89 15.88
C ALA B 469 -14.39 12.11 16.70
N GLU B 470 -15.11 11.92 17.80
CA GLU B 470 -15.37 13.03 18.71
C GLU B 470 -14.07 13.68 19.16
N ARG B 471 -13.08 12.87 19.54
CA ARG B 471 -11.84 13.42 20.07
C ARG B 471 -10.90 13.96 18.98
N GLN B 472 -11.08 13.57 17.73
CA GLN B 472 -10.23 14.05 16.64
C GLN B 472 -10.88 15.16 15.82
N ARG B 473 -12.07 15.60 16.19
CA ARG B 473 -12.72 16.74 15.58
C ARG B 473 -11.75 17.91 15.46
N PRO B 474 -11.51 18.43 14.26
CA PRO B 474 -10.52 19.50 14.10
C PRO B 474 -11.03 20.82 14.67
N VAL B 475 -10.08 21.68 15.04
CA VAL B 475 -10.42 22.95 15.70
C VAL B 475 -9.58 24.08 15.10
N ALA B 476 -10.24 25.13 14.65
CA ALA B 476 -9.52 26.21 13.99
C ALA B 476 -8.66 26.99 15.00
N VAL B 477 -7.65 27.69 14.49
CA VAL B 477 -6.80 28.55 15.29
C VAL B 477 -7.39 29.95 15.27
N GLU B 478 -7.40 30.60 16.43
CA GLU B 478 -7.92 31.95 16.55
C GLU B 478 -6.82 32.95 16.19
N ARG B 479 -7.02 33.70 15.12
CA ARG B 479 -6.11 34.78 14.74
C ARG B 479 -6.83 35.95 14.10
N ABU C . -1.67 25.63 -4.13
CD ABU C . -0.41 25.03 -4.03
CB ABU C . 0.21 24.71 -5.24
CG ABU C . 1.67 25.05 -5.12
C ABU C . 2.44 24.76 -6.41
O ABU C . 1.91 23.96 -7.25
OXT ABU C . 3.54 25.37 -6.50
H ABU C . -1.62 26.50 -4.64
H2 ABU C . -2.06 25.83 -3.22
HA1 ABU C . -0.54 24.11 -3.43
HA2 ABU C . 0.29 25.62 -3.47
HB1 ABU C . -0.28 25.19 -6.08
HB2 ABU C . 0.08 23.64 -5.46
HG1 ABU C . 2.16 24.47 -4.34
HG2 ABU C . 1.84 26.11 -4.89
N ABU D . 2.99 21.26 -8.09
CD ABU D . 3.93 20.19 -7.96
CB ABU D . 5.24 20.70 -7.68
CG ABU D . 5.22 21.28 -6.31
C ABU D . 6.63 21.65 -5.93
O ABU D . 7.14 21.08 -4.90
OXT ABU D . 7.17 22.51 -6.68
H ABU D . 3.46 22.13 -8.36
H2 ABU D . 2.51 21.43 -7.22
HA1 ABU D . 3.94 19.62 -8.93
HA2 ABU D . 3.65 19.44 -7.18
HB1 ABU D . 5.55 21.44 -8.45
HB2 ABU D . 6.01 19.90 -7.76
HG1 ABU D . 4.86 20.57 -5.55
HG2 ABU D . 4.61 22.19 -6.23
ZN ZN E . 6.95 17.10 -4.62
ZN ZN F . 8.86 18.84 -5.35
N ABU G . -12.77 -15.57 -15.91
CD ABU G . -13.03 -15.20 -14.54
CB ABU G . -14.34 -15.32 -14.20
CG ABU G . -14.59 -15.15 -12.72
C ABU G . -16.04 -15.58 -12.43
O ABU G . -16.22 -16.81 -12.20
OXT ABU G . -16.93 -14.67 -12.47
H ABU G . -13.35 -16.36 -16.19
H2 ABU G . -11.81 -15.84 -16.05
HA1 ABU G . -12.71 -14.14 -14.43
HA2 ABU G . -12.44 -15.75 -13.82
HB1 ABU G . -14.72 -16.30 -14.53
HB2 ABU G . -14.92 -14.58 -14.73
HG1 ABU G . -14.48 -14.11 -12.39
HG2 ABU G . -13.95 -15.75 -12.11
N ABU H . -16.20 -12.09 -10.99
CD ABU H . -16.92 -11.63 -9.83
CB ABU H . -16.32 -12.15 -8.55
CG ABU H . -16.33 -13.66 -8.52
C ABU H . -15.76 -14.13 -7.16
O ABU H . -15.97 -15.34 -6.86
OXT ABU H . -15.11 -13.27 -6.48
H ABU H . -16.61 -12.92 -11.37
H2 ABU H . -15.24 -12.30 -10.76
HA1 ABU H . -17.97 -12.00 -9.92
HA2 ABU H . -17.01 -10.52 -9.76
HB1 ABU H . -16.84 -11.72 -7.67
HB2 ABU H . -15.28 -11.77 -8.45
HG1 ABU H . -15.73 -14.10 -9.32
HG2 ABU H . -17.34 -14.07 -8.61
ZN ZN I . -13.05 -12.40 -4.43
ZN ZN J . -15.66 -14.31 -3.93
#